data_5Z3K
#
_entry.id   5Z3K
#
_cell.length_a   48.911
_cell.length_b   95.911
_cell.length_c   100.908
_cell.angle_alpha   90.00
_cell.angle_beta   98.71
_cell.angle_gamma   90.00
#
_symmetry.space_group_name_H-M   'P 1 21 1'
#
loop_
_entity.id
_entity.type
_entity.pdbx_description
1 polymer glucosidase
2 non-polymer GLYCEROL
3 water water
#
_entity_poly.entity_id   1
_entity_poly.type   'polypeptide(L)'
_entity_poly.pdbx_seq_one_letter_code
;(MSE)TSDLIAKLSVNAGEPIGN(MSE)RQLHGTSGIPAPAPGTDSVPDILDVWRNAQVTLVRSYDWVSRLDTIDNPTSL
FPDWSADPSDPASYNFAATDTWVGQTRSIGANILFTIASEIPANKQPARDLAKYEQVVENIVRHYVCGWGDGFENAVSHW
EFGDQPDFGKLHFSGTPDQFYE(MSE)YAAAARAVKRVDPALKVGGPCVAFPLNEGPFREGFLDYVKQQSVPLDFLSW
(MSE)WYGDNSRDP(MSE)DFRTIAAEVRAIVDKYGFTDTELLLSYWS(MSE)TGIPTAKFEDFDNAAFLAAAAIY
(MSE)QDSEVDKAIFFRADTGADFHYNFTDPAGIFEDDGSQNARTGAFQLVGQTLATTERLAITGGDDNGFAALAGRTAD
GDTIRILISNYAIPD(MSE)YLTARDRDVFEFQVPIGDQKTD(MSE)SLNVPPRRVDARSTGYSGYTLEIGHLPWGDGPH
RVVRYRADRDHKGE(MSE)LDSHEGRGSSVTVQNKLAVSGVELIEITRVSS
;
_entity_poly.pdbx_strand_id   A,B
#
loop_
_chem_comp.id
_chem_comp.type
_chem_comp.name
_chem_comp.formula
GOL non-polymer GLYCEROL 'C3 H8 O3'
#
# COMPACT_ATOMS: atom_id res chain seq x y z
N ASP A 4 -4.49 -3.99 35.03
CA ASP A 4 -5.05 -4.83 33.98
C ASP A 4 -5.25 -4.06 32.68
N LEU A 5 -4.38 -4.31 31.71
CA LEU A 5 -4.50 -3.73 30.40
C LEU A 5 -5.29 -4.66 29.49
N ILE A 6 -6.35 -4.14 28.88
CA ILE A 6 -7.27 -4.94 28.07
C ILE A 6 -7.17 -4.44 26.64
N ALA A 7 -6.82 -5.35 25.73
CA ALA A 7 -6.79 -5.01 24.32
C ALA A 7 -8.20 -4.95 23.76
N LYS A 8 -8.41 -4.04 22.80
CA LYS A 8 -9.73 -3.81 22.21
C LYS A 8 -9.69 -4.16 20.73
N LEU A 9 -10.42 -5.20 20.34
CA LEU A 9 -10.39 -5.73 18.99
C LEU A 9 -11.76 -5.60 18.35
N SER A 10 -11.79 -5.33 17.05
CA SER A 10 -13.04 -5.31 16.32
C SER A 10 -12.85 -5.99 14.97
N VAL A 11 -13.87 -6.76 14.57
CA VAL A 11 -13.87 -7.51 13.32
C VAL A 11 -15.16 -7.19 12.59
N ASN A 12 -15.06 -6.93 11.29
CA ASN A 12 -16.22 -6.87 10.41
C ASN A 12 -16.31 -8.21 9.69
N ALA A 13 -17.29 -9.03 10.09
CA ALA A 13 -17.44 -10.38 9.57
C ALA A 13 -18.23 -10.46 8.26
N GLY A 14 -18.68 -9.33 7.72
CA GLY A 14 -19.57 -9.35 6.59
C GLY A 14 -18.94 -8.97 5.26
N GLU A 15 -17.66 -8.61 5.28
CA GLU A 15 -17.02 -8.27 4.02
C GLU A 15 -15.56 -8.70 4.00
N PRO A 16 -15.16 -9.50 3.03
CA PRO A 16 -13.75 -9.87 2.95
C PRO A 16 -12.89 -8.69 2.54
N ILE A 17 -11.69 -8.62 3.13
CA ILE A 17 -10.69 -7.65 2.69
C ILE A 17 -9.81 -8.21 1.58
N GLY A 18 -9.87 -9.50 1.33
CA GLY A 18 -8.98 -10.15 0.40
C GLY A 18 -8.90 -11.63 0.75
N ASN A 19 -8.07 -12.34 -0.02
CA ASN A 19 -7.94 -13.78 0.21
C ASN A 19 -6.97 -14.08 1.34
N MSE A 20 -7.33 -15.03 2.19
CA MSE A 20 -6.39 -15.60 3.14
C MSE A 20 -5.38 -16.42 2.34
O MSE A 20 -5.75 -17.06 1.34
CB MSE A 20 -7.09 -16.48 4.16
CG MSE A 20 -6.16 -17.01 5.25
SE MSE A 20 -5.71 -15.60 6.49
CE MSE A 20 -7.35 -15.63 7.55
N ARG A 21 -4.12 -16.40 2.74
CA ARG A 21 -3.06 -17.11 2.02
C ARG A 21 -2.68 -18.37 2.80
N GLN A 22 -2.66 -19.50 2.12
CA GLN A 22 -2.47 -20.79 2.79
C GLN A 22 -0.98 -21.05 2.99
N LEU A 23 -0.45 -20.60 4.13
CA LEU A 23 0.96 -20.73 4.44
C LEU A 23 1.26 -21.83 5.45
N HIS A 24 0.28 -22.68 5.78
CA HIS A 24 0.46 -23.68 6.84
C HIS A 24 1.10 -24.95 6.29
N GLY A 25 2.36 -24.81 5.85
CA GLY A 25 3.15 -25.97 5.53
C GLY A 25 3.99 -26.44 6.71
N THR A 26 4.50 -27.66 6.62
CA THR A 26 5.33 -28.17 7.70
C THR A 26 6.20 -29.31 7.20
N SER A 27 7.12 -29.73 8.03
CA SER A 27 7.96 -30.87 7.74
C SER A 27 7.87 -31.84 8.91
N GLY A 28 8.43 -33.02 8.71
CA GLY A 28 8.41 -34.07 9.72
C GLY A 28 7.75 -35.33 9.20
N ILE A 29 7.77 -36.36 10.06
CA ILE A 29 7.26 -37.70 9.78
C ILE A 29 5.93 -37.85 10.51
N PRO A 30 4.78 -37.93 9.81
CA PRO A 30 3.49 -37.91 10.49
C PRO A 30 3.00 -39.26 11.01
N ALA A 31 3.62 -40.36 10.59
CA ALA A 31 3.10 -41.69 10.89
C ALA A 31 4.13 -42.72 10.40
N PRO A 32 4.08 -43.95 10.92
CA PRO A 32 5.04 -44.98 10.50
C PRO A 32 4.99 -45.27 9.01
N ALA A 33 6.11 -45.76 8.50
CA ALA A 33 6.25 -46.30 7.16
C ALA A 33 7.22 -47.47 7.26
N PRO A 34 7.24 -48.36 6.28
CA PRO A 34 8.16 -49.50 6.34
C PRO A 34 9.61 -49.06 6.54
N GLY A 35 10.28 -49.65 7.53
CA GLY A 35 11.63 -49.30 7.89
C GLY A 35 11.74 -48.14 8.86
N THR A 36 10.65 -47.40 9.07
CA THR A 36 10.60 -46.29 10.02
C THR A 36 9.27 -46.42 10.79
N ASP A 37 9.14 -47.46 11.61
CA ASP A 37 7.84 -47.70 12.22
C ASP A 37 7.78 -47.41 13.70
N SER A 38 8.83 -46.80 14.27
CA SER A 38 8.85 -46.52 15.70
C SER A 38 8.10 -45.25 16.06
N VAL A 39 7.76 -44.40 15.10
CA VAL A 39 7.20 -43.09 15.37
C VAL A 39 5.71 -43.18 15.64
N PRO A 40 5.15 -42.27 16.42
CA PRO A 40 3.70 -42.25 16.63
C PRO A 40 2.95 -41.86 15.38
N ASP A 41 1.69 -42.28 15.31
CA ASP A 41 0.80 -41.87 14.23
C ASP A 41 0.08 -40.58 14.65
N ILE A 42 0.52 -39.44 14.12
CA ILE A 42 -0.09 -38.15 14.40
C ILE A 42 -0.69 -37.53 13.15
N LEU A 43 -0.92 -38.33 12.10
CA LEU A 43 -1.45 -37.79 10.85
C LEU A 43 -2.79 -37.09 11.05
N ASP A 44 -3.63 -37.60 11.97
CA ASP A 44 -4.92 -36.95 12.21
C ASP A 44 -4.74 -35.54 12.76
N VAL A 45 -3.64 -35.29 13.49
CA VAL A 45 -3.38 -33.93 13.98
C VAL A 45 -3.04 -33.01 12.81
N TRP A 46 -2.24 -33.49 11.86
CA TRP A 46 -1.96 -32.70 10.67
C TRP A 46 -3.25 -32.39 9.90
N ARG A 47 -4.14 -33.38 9.80
CA ARG A 47 -5.43 -33.16 9.16
C ARG A 47 -6.24 -32.11 9.89
N ASN A 48 -6.36 -32.23 11.21
CA ASN A 48 -7.10 -31.25 12.00
C ASN A 48 -6.47 -29.86 11.92
N ALA A 49 -5.14 -29.80 11.80
CA ALA A 49 -4.47 -28.51 11.63
C ALA A 49 -4.61 -27.97 10.21
N GLN A 50 -5.20 -28.73 9.28
CA GLN A 50 -5.32 -28.33 7.88
C GLN A 50 -3.95 -27.97 7.27
N VAL A 51 -2.95 -28.80 7.54
CA VAL A 51 -1.66 -28.70 6.85
C VAL A 51 -1.93 -28.74 5.35
N THR A 52 -1.33 -27.79 4.60
CA THR A 52 -1.53 -27.70 3.15
C THR A 52 -0.28 -28.03 2.33
N LEU A 53 0.89 -28.15 2.96
CA LEU A 53 2.13 -28.38 2.23
C LEU A 53 3.07 -29.10 3.17
N VAL A 54 3.74 -30.14 2.66
CA VAL A 54 4.67 -30.91 3.48
C VAL A 54 6.01 -31.02 2.77
N ARG A 55 7.07 -30.56 3.44
CA ARG A 55 8.43 -30.75 2.96
C ARG A 55 8.90 -32.17 3.33
N SER A 56 9.53 -32.85 2.37
CA SER A 56 9.83 -34.28 2.53
C SER A 56 11.19 -34.53 3.16
N TYR A 57 11.96 -33.49 3.44
CA TYR A 57 13.38 -33.66 3.78
C TYR A 57 13.56 -34.52 5.02
N ASP A 58 12.67 -34.40 6.00
CA ASP A 58 12.87 -35.18 7.23
C ASP A 58 12.41 -36.63 7.11
N TRP A 59 11.71 -36.98 6.03
CA TRP A 59 11.42 -38.38 5.73
C TRP A 59 12.71 -39.14 5.44
N VAL A 60 12.60 -40.47 5.40
CA VAL A 60 13.66 -41.32 4.89
C VAL A 60 13.47 -41.42 3.38
N SER A 61 13.76 -40.32 2.67
CA SER A 61 13.40 -40.17 1.26
C SER A 61 14.48 -39.38 0.53
N ARG A 62 15.73 -39.77 0.76
CA ARG A 62 16.88 -39.07 0.20
C ARG A 62 17.37 -39.76 -1.06
N LEU A 63 17.86 -38.96 -2.00
CA LEU A 63 18.54 -39.49 -3.19
C LEU A 63 20.03 -39.42 -2.87
N ASP A 64 20.55 -40.46 -2.21
CA ASP A 64 21.94 -40.43 -1.79
C ASP A 64 22.85 -40.55 -3.01
N THR A 65 24.02 -39.91 -2.92
CA THR A 65 24.95 -39.85 -4.04
C THR A 65 26.01 -40.94 -3.98
N ILE A 66 25.98 -41.79 -2.96
CA ILE A 66 26.70 -43.04 -2.95
C ILE A 66 25.68 -44.16 -2.72
N ASP A 67 26.14 -45.40 -2.82
CA ASP A 67 25.25 -46.53 -2.55
C ASP A 67 24.86 -46.51 -1.08
N ASN A 68 23.58 -46.81 -0.82
CA ASN A 68 22.97 -46.72 0.51
C ASN A 68 21.62 -47.43 0.44
N PRO A 69 21.37 -48.44 1.29
CA PRO A 69 20.12 -49.18 1.19
C PRO A 69 18.87 -48.34 1.32
N THR A 70 18.90 -47.29 2.15
CA THR A 70 17.70 -46.49 2.39
C THR A 70 17.47 -45.42 1.32
N SER A 71 18.42 -45.24 0.40
CA SER A 71 18.32 -44.22 -0.63
C SER A 71 17.25 -44.60 -1.65
N LEU A 72 16.73 -43.57 -2.34
CA LEU A 72 15.72 -43.79 -3.37
C LEU A 72 16.28 -44.59 -4.54
N PHE A 73 17.59 -44.51 -4.77
CA PHE A 73 18.28 -45.30 -5.79
C PHE A 73 19.45 -45.95 -5.08
N PRO A 74 19.23 -47.12 -4.45
CA PRO A 74 20.22 -47.62 -3.49
C PRO A 74 21.51 -48.12 -4.10
N ASP A 75 21.50 -48.52 -5.38
CA ASP A 75 22.66 -49.11 -6.04
C ASP A 75 22.89 -48.34 -7.33
N TRP A 76 23.93 -47.51 -7.36
CA TRP A 76 24.13 -46.65 -8.52
C TRP A 76 24.65 -47.40 -9.75
N SER A 77 24.93 -48.70 -9.64
CA SER A 77 25.27 -49.48 -10.83
C SER A 77 24.04 -50.06 -11.51
N ALA A 78 22.86 -49.93 -10.89
CA ALA A 78 21.64 -50.56 -11.40
C ALA A 78 21.10 -49.82 -12.63
N ASP A 79 20.27 -50.52 -13.39
CA ASP A 79 19.62 -49.94 -14.56
C ASP A 79 18.66 -48.83 -14.14
N PRO A 80 18.89 -47.58 -14.56
CA PRO A 80 18.00 -46.48 -14.13
C PRO A 80 16.66 -46.47 -14.83
N SER A 81 16.45 -47.32 -15.84
CA SER A 81 15.18 -47.40 -16.53
C SER A 81 14.26 -48.46 -15.94
N ASP A 82 14.74 -49.25 -14.98
CA ASP A 82 13.96 -50.33 -14.39
C ASP A 82 13.37 -49.86 -13.08
N PRO A 83 12.03 -49.84 -12.93
CA PRO A 83 11.45 -49.48 -11.63
C PRO A 83 11.98 -50.31 -10.48
N ALA A 84 12.40 -51.55 -10.75
CA ALA A 84 12.95 -52.39 -9.70
C ALA A 84 14.25 -51.82 -9.12
N SER A 85 14.89 -50.87 -9.81
CA SER A 85 16.12 -50.28 -9.31
C SER A 85 15.89 -49.20 -8.26
N TYR A 86 14.64 -48.81 -8.04
CA TYR A 86 14.27 -47.71 -7.17
C TYR A 86 13.68 -48.24 -5.87
N ASN A 87 13.83 -47.46 -4.80
CA ASN A 87 13.36 -47.85 -3.47
C ASN A 87 12.31 -46.83 -3.04
N PHE A 88 11.08 -47.04 -3.51
CA PHE A 88 10.00 -46.09 -3.32
C PHE A 88 9.10 -46.40 -2.12
N ALA A 89 9.25 -47.56 -1.49
CA ALA A 89 8.18 -48.06 -0.61
C ALA A 89 7.87 -47.07 0.52
N ALA A 90 8.89 -46.68 1.30
CA ALA A 90 8.57 -45.84 2.46
C ALA A 90 8.12 -44.47 2.01
N THR A 91 8.78 -43.93 0.98
CA THR A 91 8.39 -42.63 0.46
C THR A 91 6.97 -42.66 -0.11
N ASP A 92 6.61 -43.76 -0.79
CA ASP A 92 5.24 -43.93 -1.26
C ASP A 92 4.25 -43.84 -0.11
N THR A 93 4.59 -44.43 1.03
CA THR A 93 3.69 -44.43 2.17
C THR A 93 3.48 -43.01 2.69
N TRP A 94 4.56 -42.25 2.83
CA TRP A 94 4.44 -40.89 3.34
C TRP A 94 3.75 -39.97 2.32
N VAL A 95 4.01 -40.19 1.03
CA VAL A 95 3.31 -39.41 0.00
C VAL A 95 1.83 -39.69 0.06
N GLY A 96 1.46 -40.97 0.17
CA GLY A 96 0.05 -41.31 0.26
C GLY A 96 -0.60 -40.74 1.51
N GLN A 97 0.11 -40.75 2.64
CA GLN A 97 -0.43 -40.16 3.85
C GLN A 97 -0.68 -38.67 3.65
N THR A 98 0.28 -37.98 3.05
CA THR A 98 0.16 -36.54 2.87
C THR A 98 -0.99 -36.21 1.93
N ARG A 99 -1.13 -36.96 0.83
CA ARG A 99 -2.22 -36.68 -0.09
C ARG A 99 -3.57 -37.01 0.53
N SER A 100 -3.65 -37.97 1.45
CA SER A 100 -4.92 -38.35 2.02
C SER A 100 -5.52 -37.26 2.91
N ILE A 101 -4.70 -36.33 3.41
CA ILE A 101 -5.23 -35.18 4.15
C ILE A 101 -5.31 -33.93 3.28
N GLY A 102 -5.10 -34.06 1.97
CA GLY A 102 -5.31 -32.95 1.06
C GLY A 102 -4.15 -32.00 0.96
N ALA A 103 -2.97 -32.40 1.43
CA ALA A 103 -1.82 -31.51 1.38
C ALA A 103 -0.97 -31.76 0.13
N ASN A 104 -0.35 -30.69 -0.37
CA ASN A 104 0.64 -30.81 -1.42
C ASN A 104 2.01 -31.16 -0.84
N ILE A 105 2.96 -31.47 -1.72
CA ILE A 105 4.26 -31.95 -1.28
C ILE A 105 5.35 -31.07 -1.87
N LEU A 106 6.32 -30.69 -1.03
CA LEU A 106 7.57 -30.07 -1.43
C LEU A 106 8.63 -31.15 -1.29
N PHE A 107 9.05 -31.73 -2.40
CA PHE A 107 9.94 -32.87 -2.38
C PHE A 107 11.37 -32.38 -2.46
N THR A 108 12.14 -32.57 -1.38
CA THR A 108 13.51 -32.11 -1.34
C THR A 108 14.43 -33.20 -1.90
N ILE A 109 15.14 -32.86 -2.96
CA ILE A 109 16.17 -33.72 -3.56
C ILE A 109 17.48 -33.46 -2.83
N ALA A 110 17.94 -34.43 -2.03
CA ALA A 110 19.16 -34.25 -1.24
C ALA A 110 19.78 -35.60 -0.94
N SER A 111 21.10 -35.58 -0.67
CA SER A 111 21.80 -36.79 -0.27
C SER A 111 21.47 -37.13 1.18
N GLU A 112 22.11 -38.18 1.68
CA GLU A 112 21.90 -38.65 3.06
C GLU A 112 22.72 -37.82 4.05
N ILE A 113 22.39 -36.53 4.10
CA ILE A 113 22.97 -35.63 5.10
C ILE A 113 22.51 -36.06 6.48
N PRO A 114 23.41 -36.20 7.48
CA PRO A 114 24.83 -35.86 7.42
C PRO A 114 25.80 -36.99 7.09
N ALA A 115 25.30 -38.22 6.91
CA ALA A 115 26.23 -39.33 6.68
C ALA A 115 27.05 -39.09 5.41
N ASN A 116 26.43 -38.53 4.38
CA ASN A 116 27.10 -38.30 3.11
C ASN A 116 26.61 -37.00 2.48
N LYS A 117 27.55 -36.12 2.13
CA LYS A 117 27.20 -34.89 1.43
C LYS A 117 27.96 -34.73 0.12
N GLN A 118 28.48 -35.82 -0.44
CA GLN A 118 29.27 -35.72 -1.66
C GLN A 118 28.39 -35.33 -2.84
N PRO A 119 28.94 -34.62 -3.82
CA PRO A 119 28.20 -34.36 -5.05
C PRO A 119 28.03 -35.62 -5.89
N ALA A 120 27.22 -35.51 -6.93
CA ALA A 120 27.01 -36.63 -7.84
C ALA A 120 28.29 -36.96 -8.62
N ARG A 121 28.59 -38.26 -8.70
CA ARG A 121 29.70 -38.80 -9.49
C ARG A 121 29.42 -38.80 -10.98
N ASP A 122 28.18 -39.13 -11.36
CA ASP A 122 27.80 -39.35 -12.75
C ASP A 122 26.56 -38.50 -12.98
N LEU A 123 26.76 -37.29 -13.54
CA LEU A 123 25.68 -36.32 -13.60
C LEU A 123 24.60 -36.76 -14.57
N ALA A 124 24.99 -37.40 -15.68
CA ALA A 124 24.00 -37.88 -16.64
C ALA A 124 23.08 -38.93 -16.02
N LYS A 125 23.64 -39.88 -15.26
CA LYS A 125 22.80 -40.89 -14.62
C LYS A 125 21.99 -40.29 -13.47
N TYR A 126 22.60 -39.37 -12.70
CA TYR A 126 21.85 -38.66 -11.67
C TYR A 126 20.60 -38.01 -12.26
N GLU A 127 20.75 -37.35 -13.41
CA GLU A 127 19.62 -36.68 -14.05
C GLU A 127 18.53 -37.67 -14.46
N GLN A 128 18.92 -38.80 -15.01
CA GLN A 128 17.95 -39.79 -15.39
C GLN A 128 17.18 -40.31 -14.15
N VAL A 129 17.88 -40.51 -13.07
CA VAL A 129 17.26 -41.07 -11.89
C VAL A 129 16.32 -40.04 -11.26
N VAL A 130 16.69 -38.76 -11.29
CA VAL A 130 15.79 -37.72 -10.79
C VAL A 130 14.53 -37.67 -11.63
N GLU A 131 14.68 -37.80 -12.95
CA GLU A 131 13.52 -37.69 -13.83
C GLU A 131 12.52 -38.80 -13.57
N ASN A 132 12.99 -40.03 -13.36
CA ASN A 132 12.06 -41.13 -13.11
C ASN A 132 11.50 -41.12 -11.70
N ILE A 133 12.22 -40.53 -10.73
CA ILE A 133 11.59 -40.29 -9.44
C ILE A 133 10.42 -39.34 -9.62
N VAL A 134 10.61 -38.29 -10.43
CA VAL A 134 9.53 -37.34 -10.68
C VAL A 134 8.39 -38.03 -11.41
N ARG A 135 8.72 -38.84 -12.42
CA ARG A 135 7.68 -39.55 -13.17
C ARG A 135 6.93 -40.53 -12.28
N HIS A 136 7.61 -41.12 -11.30
CA HIS A 136 6.93 -42.01 -10.37
C HIS A 136 5.89 -41.25 -9.54
N TYR A 137 6.18 -40.03 -9.13
CA TYR A 137 5.26 -39.31 -8.27
C TYR A 137 4.32 -38.36 -9.01
N VAL A 138 4.52 -38.16 -10.32
CA VAL A 138 3.69 -37.24 -11.10
C VAL A 138 2.92 -37.95 -12.20
N CYS A 139 3.53 -38.94 -12.87
CA CYS A 139 2.92 -39.59 -14.03
C CYS A 139 2.62 -41.07 -13.81
N GLY A 140 2.61 -41.54 -12.56
CA GLY A 140 2.30 -42.95 -12.32
C GLY A 140 3.37 -43.95 -12.69
N TRP A 141 4.58 -43.51 -13.04
CA TRP A 141 5.64 -44.42 -13.48
C TRP A 141 6.02 -45.40 -12.37
N GLY A 142 6.23 -46.67 -12.75
CA GLY A 142 6.65 -47.67 -11.79
C GLY A 142 5.67 -47.83 -10.65
N ASP A 143 4.38 -47.96 -11.00
CA ASP A 143 3.30 -48.12 -10.03
C ASP A 143 3.25 -46.93 -9.07
N GLY A 144 3.23 -45.74 -9.64
CA GLY A 144 3.39 -44.51 -8.89
C GLY A 144 2.09 -43.76 -8.71
N PHE A 145 2.23 -42.45 -8.50
CA PHE A 145 1.12 -41.56 -8.22
C PHE A 145 0.90 -40.63 -9.40
N GLU A 146 -0.33 -40.13 -9.52
CA GLU A 146 -0.65 -39.09 -10.49
C GLU A 146 -0.67 -37.75 -9.76
N ASN A 147 0.18 -36.82 -10.19
CA ASN A 147 0.12 -35.43 -9.73
C ASN A 147 0.22 -35.31 -8.21
N ALA A 148 1.10 -36.09 -7.60
CA ALA A 148 1.18 -36.08 -6.15
C ALA A 148 2.14 -35.04 -5.60
N VAL A 149 3.10 -34.58 -6.39
CA VAL A 149 4.15 -33.68 -5.92
C VAL A 149 4.20 -32.47 -6.84
N SER A 150 3.79 -31.31 -6.32
CA SER A 150 3.73 -30.10 -7.13
C SER A 150 5.01 -29.28 -7.11
N HIS A 151 5.84 -29.46 -6.09
CA HIS A 151 7.01 -28.64 -5.88
C HIS A 151 8.23 -29.54 -5.67
N TRP A 152 9.32 -29.24 -6.37
CA TRP A 152 10.55 -30.02 -6.29
C TRP A 152 11.69 -29.09 -5.90
N GLU A 153 12.28 -29.35 -4.74
CA GLU A 153 13.34 -28.53 -4.19
C GLU A 153 14.67 -29.25 -4.34
N PHE A 154 15.67 -28.54 -4.84
CA PHE A 154 17.04 -29.05 -4.85
C PHE A 154 17.86 -28.30 -3.82
N GLY A 155 18.38 -29.03 -2.84
CA GLY A 155 19.31 -28.45 -1.88
C GLY A 155 18.82 -28.43 -0.45
N ASP A 156 19.77 -28.42 0.49
CA ASP A 156 19.45 -28.17 1.89
C ASP A 156 20.70 -27.58 2.53
N GLN A 157 20.67 -26.26 2.82
CA GLN A 157 21.73 -25.57 3.52
C GLN A 157 23.13 -25.84 2.93
N PRO A 158 23.33 -25.63 1.63
CA PRO A 158 24.68 -25.81 1.07
C PRO A 158 25.69 -24.82 1.63
N ASP A 159 25.24 -23.68 2.18
CA ASP A 159 26.13 -22.69 2.77
C ASP A 159 26.38 -22.93 4.26
N PHE A 160 25.87 -24.03 4.81
CA PHE A 160 26.06 -24.35 6.23
C PHE A 160 27.41 -25.06 6.39
N GLY A 161 28.47 -24.29 6.18
CA GLY A 161 29.78 -24.90 6.11
C GLY A 161 29.81 -25.95 5.02
N LYS A 162 30.58 -27.01 5.25
CA LYS A 162 30.59 -28.18 4.38
C LYS A 162 29.77 -29.33 4.98
N LEU A 163 28.89 -29.02 5.94
CA LEU A 163 28.20 -30.05 6.68
C LEU A 163 27.00 -30.63 5.93
N HIS A 164 26.46 -29.93 4.93
CA HIS A 164 25.39 -30.48 4.10
C HIS A 164 25.77 -30.70 2.65
N PHE A 165 26.81 -30.03 2.15
CA PHE A 165 27.28 -30.21 0.78
C PHE A 165 28.79 -30.03 0.77
N SER A 166 29.52 -31.07 0.36
CA SER A 166 30.98 -31.02 0.31
C SER A 166 31.54 -30.87 -1.09
N GLY A 167 30.68 -30.68 -2.09
CA GLY A 167 31.15 -30.38 -3.43
C GLY A 167 31.46 -28.90 -3.58
N THR A 168 31.85 -28.51 -4.79
CA THR A 168 32.05 -27.10 -5.07
C THR A 168 30.74 -26.45 -5.45
N PRO A 169 30.66 -25.11 -5.42
CA PRO A 169 29.45 -24.46 -5.93
C PRO A 169 29.13 -24.83 -7.37
N ASP A 170 30.13 -24.86 -8.26
CA ASP A 170 29.87 -25.27 -9.64
C ASP A 170 29.23 -26.65 -9.69
N GLN A 171 29.68 -27.58 -8.84
CA GLN A 171 29.07 -28.90 -8.82
C GLN A 171 27.63 -28.81 -8.34
N PHE A 172 27.37 -27.97 -7.35
CA PHE A 172 26.00 -27.76 -6.89
C PHE A 172 25.14 -27.16 -7.99
N TYR A 173 25.66 -26.16 -8.71
CA TYR A 173 24.87 -25.52 -9.76
C TYR A 173 24.53 -26.50 -10.87
N GLU A 174 25.50 -27.33 -11.30
CA GLU A 174 25.22 -28.25 -12.38
C GLU A 174 24.20 -29.29 -11.97
N MSE A 175 24.26 -29.70 -10.71
CA MSE A 175 23.28 -30.63 -10.16
C MSE A 175 21.89 -29.99 -10.13
O MSE A 175 20.90 -30.63 -10.44
CB MSE A 175 23.70 -31.07 -8.76
CG MSE A 175 24.78 -32.11 -8.75
SE MSE A 175 25.36 -32.55 -6.97
CE MSE A 175 23.84 -33.64 -6.36
N TYR A 176 21.83 -28.70 -9.75
CA TYR A 176 20.56 -28.00 -9.80
C TYR A 176 20.01 -27.98 -11.22
N ALA A 177 20.85 -27.64 -12.20
CA ALA A 177 20.36 -27.55 -13.57
C ALA A 177 19.87 -28.91 -14.06
N ALA A 178 20.57 -29.99 -13.70
CA ALA A 178 20.13 -31.32 -14.08
C ALA A 178 18.76 -31.63 -13.48
N ALA A 179 18.57 -31.32 -12.20
CA ALA A 179 17.28 -31.56 -11.57
C ALA A 179 16.18 -30.72 -12.20
N ALA A 180 16.46 -29.44 -12.46
CA ALA A 180 15.45 -28.57 -13.07
C ALA A 180 15.08 -29.05 -14.46
N ARG A 181 16.06 -29.42 -15.28
CA ARG A 181 15.79 -30.01 -16.58
C ARG A 181 14.89 -31.24 -16.46
N ALA A 182 15.21 -32.13 -15.50
CA ALA A 182 14.43 -33.36 -15.38
C ALA A 182 13.00 -33.07 -14.94
N VAL A 183 12.81 -32.18 -13.96
CA VAL A 183 11.47 -31.86 -13.50
C VAL A 183 10.64 -31.26 -14.63
N LYS A 184 11.22 -30.30 -15.36
CA LYS A 184 10.47 -29.62 -16.41
C LYS A 184 10.22 -30.54 -17.60
N ARG A 185 11.13 -31.48 -17.85
CA ARG A 185 10.91 -32.47 -18.91
C ARG A 185 9.69 -33.33 -18.61
N VAL A 186 9.47 -33.67 -17.33
CA VAL A 186 8.34 -34.51 -16.99
C VAL A 186 7.03 -33.75 -17.16
N ASP A 187 7.00 -32.52 -16.67
CA ASP A 187 5.81 -31.70 -16.69
C ASP A 187 6.19 -30.24 -16.48
N PRO A 188 6.05 -29.39 -17.50
CA PRO A 188 6.39 -27.97 -17.33
C PRO A 188 5.61 -27.28 -16.23
N ALA A 189 4.46 -27.81 -15.82
CA ALA A 189 3.66 -27.20 -14.77
C ALA A 189 4.24 -27.41 -13.38
N LEU A 190 5.21 -28.30 -13.23
CA LEU A 190 5.83 -28.51 -11.93
C LEU A 190 6.71 -27.32 -11.55
N LYS A 191 6.75 -27.01 -10.27
CA LYS A 191 7.59 -25.94 -9.76
C LYS A 191 8.89 -26.54 -9.27
N VAL A 192 10.01 -25.94 -9.67
CA VAL A 192 11.33 -26.36 -9.22
C VAL A 192 12.05 -25.15 -8.65
N GLY A 193 12.84 -25.38 -7.61
CA GLY A 193 13.55 -24.28 -6.98
C GLY A 193 14.56 -24.79 -5.97
N GLY A 194 15.13 -23.85 -5.23
CA GLY A 194 16.22 -24.12 -4.33
C GLY A 194 16.81 -22.79 -3.89
N PRO A 195 17.98 -22.81 -3.25
CA PRO A 195 18.81 -23.94 -2.85
C PRO A 195 18.69 -24.25 -1.38
N CYS A 196 17.70 -23.63 -0.72
CA CYS A 196 17.53 -23.73 0.73
C CYS A 196 18.70 -23.06 1.45
N VAL A 197 18.84 -21.74 1.22
CA VAL A 197 19.87 -20.94 1.87
C VAL A 197 19.73 -20.99 3.38
N ALA A 198 20.80 -21.40 4.06
CA ALA A 198 20.77 -21.44 5.52
C ALA A 198 21.00 -20.07 6.15
N PHE A 199 21.80 -19.22 5.50
CA PHE A 199 22.20 -17.93 6.05
C PHE A 199 21.74 -16.82 5.09
N PRO A 200 20.43 -16.52 5.04
CA PRO A 200 19.91 -15.68 3.95
C PRO A 200 20.33 -14.22 3.99
N LEU A 201 20.91 -13.72 5.09
CA LEU A 201 21.46 -12.38 5.10
C LEU A 201 22.98 -12.38 4.89
N ASN A 202 23.54 -13.48 4.40
CA ASN A 202 24.97 -13.60 4.15
C ASN A 202 25.19 -13.72 2.64
N GLU A 203 26.02 -12.84 2.09
CA GLU A 203 26.39 -13.00 0.69
C GLU A 203 27.27 -14.23 0.54
N GLY A 204 27.21 -14.85 -0.64
CA GLY A 204 27.95 -16.08 -0.84
C GLY A 204 27.62 -16.81 -2.12
N PRO A 205 28.34 -17.90 -2.38
CA PRO A 205 28.12 -18.68 -3.61
C PRO A 205 26.74 -19.33 -3.69
N PHE A 206 26.06 -19.52 -2.56
CA PHE A 206 24.72 -20.12 -2.62
C PHE A 206 23.62 -19.10 -2.46
N ARG A 207 23.96 -17.81 -2.42
CA ARG A 207 22.96 -16.75 -2.57
C ARG A 207 23.21 -16.05 -3.91
N GLU A 208 24.10 -15.05 -3.90
CA GLU A 208 24.43 -14.34 -5.15
C GLU A 208 24.95 -15.30 -6.22
N GLY A 209 25.87 -16.20 -5.84
CA GLY A 209 26.45 -17.10 -6.83
C GLY A 209 25.43 -18.06 -7.43
N PHE A 210 24.46 -18.49 -6.63
CA PHE A 210 23.38 -19.33 -7.16
C PHE A 210 22.47 -18.55 -8.09
N LEU A 211 22.00 -17.37 -7.66
CA LEU A 211 21.15 -16.54 -8.50
C LEU A 211 21.87 -16.14 -9.78
N ASP A 212 23.16 -15.84 -9.69
CA ASP A 212 23.92 -15.47 -10.89
C ASP A 212 23.98 -16.63 -11.87
N TYR A 213 24.16 -17.85 -11.37
CA TYR A 213 24.27 -19.02 -12.23
C TYR A 213 22.96 -19.28 -12.98
N VAL A 214 21.84 -19.33 -12.25
CA VAL A 214 20.58 -19.65 -12.92
C VAL A 214 20.19 -18.55 -13.89
N LYS A 215 20.60 -17.31 -13.62
CA LYS A 215 20.33 -16.22 -14.56
C LYS A 215 21.18 -16.38 -15.83
N GLN A 216 22.49 -16.52 -15.66
CA GLN A 216 23.38 -16.58 -16.81
C GLN A 216 23.15 -17.82 -17.65
N GLN A 217 22.77 -18.94 -17.03
CA GLN A 217 22.54 -20.18 -17.78
C GLN A 217 21.06 -20.42 -18.08
N SER A 218 20.20 -19.45 -17.80
CA SER A 218 18.77 -19.55 -18.13
C SER A 218 18.14 -20.83 -17.58
N VAL A 219 18.41 -21.11 -16.30
CA VAL A 219 17.87 -22.29 -15.62
C VAL A 219 16.56 -21.91 -14.92
N PRO A 220 15.52 -22.73 -15.01
CA PRO A 220 14.26 -22.38 -14.32
C PRO A 220 14.47 -22.27 -12.82
N LEU A 221 13.82 -21.29 -12.20
CA LEU A 221 13.84 -21.07 -10.76
C LEU A 221 12.45 -20.56 -10.39
N ASP A 222 11.53 -21.50 -10.13
CA ASP A 222 10.17 -21.12 -9.77
C ASP A 222 10.09 -20.57 -8.35
N PHE A 223 10.98 -20.99 -7.47
CA PHE A 223 11.01 -20.46 -6.12
C PHE A 223 12.44 -20.44 -5.60
N LEU A 224 12.74 -19.45 -4.78
CA LEU A 224 14.00 -19.39 -4.06
C LEU A 224 13.71 -19.79 -2.62
N SER A 225 14.33 -20.87 -2.16
CA SER A 225 14.03 -21.38 -0.83
C SER A 225 15.15 -21.03 0.15
N TRP A 226 14.76 -20.77 1.40
CA TRP A 226 15.68 -20.27 2.43
C TRP A 226 15.09 -20.60 3.80
N MSE A 227 15.88 -20.37 4.84
CA MSE A 227 15.46 -20.72 6.21
C MSE A 227 15.69 -19.60 7.20
O MSE A 227 16.52 -18.71 6.96
CB MSE A 227 16.19 -21.98 6.69
CG MSE A 227 17.51 -21.77 7.44
SE MSE A 227 18.20 -23.55 7.88
CE MSE A 227 17.95 -24.11 6.08
N TRP A 228 14.98 -19.64 8.32
CA TRP A 228 15.21 -18.67 9.40
C TRP A 228 14.71 -19.25 10.72
N TYR A 229 15.48 -19.02 11.78
CA TYR A 229 15.11 -19.41 13.13
C TYR A 229 15.18 -18.21 14.07
N GLY A 230 14.37 -18.23 15.12
CA GLY A 230 14.35 -17.13 16.06
C GLY A 230 15.26 -17.27 17.27
N ASP A 231 16.31 -18.10 17.17
CA ASP A 231 17.11 -18.43 18.36
C ASP A 231 17.68 -17.18 19.02
N ASN A 232 18.22 -16.26 18.23
CA ASN A 232 18.94 -15.12 18.79
C ASN A 232 18.11 -13.85 18.84
N SER A 233 16.80 -13.94 18.58
CA SER A 233 15.92 -12.77 18.64
C SER A 233 14.66 -13.05 19.46
N ARG A 234 14.20 -14.30 19.42
CA ARG A 234 12.87 -14.70 19.91
C ARG A 234 11.79 -13.74 19.42
N ASP A 235 11.96 -13.18 18.21
CA ASP A 235 11.07 -12.14 17.70
C ASP A 235 10.25 -12.72 16.55
N PRO A 236 8.92 -12.88 16.70
CA PRO A 236 8.13 -13.49 15.62
C PRO A 236 8.05 -12.64 14.37
N MSE A 237 8.47 -11.37 14.45
CA MSE A 237 8.53 -10.51 13.28
C MSE A 237 9.63 -10.91 12.29
O MSE A 237 9.56 -10.55 11.11
CB MSE A 237 8.69 -9.05 13.72
CG MSE A 237 8.52 -7.99 12.61
SE MSE A 237 6.75 -8.05 11.72
CE MSE A 237 5.62 -7.38 13.16
N ASP A 238 10.63 -11.69 12.75
CA ASP A 238 11.83 -11.92 11.94
C ASP A 238 11.51 -12.43 10.54
N PHE A 239 10.52 -13.31 10.42
CA PHE A 239 10.31 -13.96 9.13
C PHE A 239 9.85 -12.96 8.08
N ARG A 240 9.04 -11.98 8.48
CA ARG A 240 8.68 -10.90 7.55
C ARG A 240 9.90 -10.07 7.20
N THR A 241 10.69 -9.71 8.22
CA THR A 241 11.90 -8.90 7.99
C THR A 241 12.86 -9.58 7.04
N ILE A 242 13.13 -10.88 7.24
CA ILE A 242 14.09 -11.55 6.37
C ILE A 242 13.54 -11.65 4.94
N ALA A 243 12.26 -12.00 4.81
CA ALA A 243 11.67 -12.20 3.49
C ALA A 243 11.76 -10.94 2.65
N ALA A 244 11.59 -9.77 3.28
CA ALA A 244 11.71 -8.52 2.54
C ALA A 244 13.11 -8.38 1.94
N GLU A 245 14.13 -8.71 2.72
CA GLU A 245 15.50 -8.59 2.22
C GLU A 245 15.78 -9.62 1.12
N VAL A 246 15.28 -10.84 1.28
CA VAL A 246 15.47 -11.86 0.26
C VAL A 246 14.76 -11.46 -1.02
N ARG A 247 13.54 -10.94 -0.88
CA ARG A 247 12.80 -10.45 -2.04
C ARG A 247 13.61 -9.44 -2.82
N ALA A 248 14.26 -8.51 -2.13
CA ALA A 248 15.04 -7.47 -2.82
C ALA A 248 16.24 -8.05 -3.58
N ILE A 249 16.91 -9.05 -3.00
CA ILE A 249 18.06 -9.64 -3.68
C ILE A 249 17.62 -10.48 -4.88
N VAL A 250 16.54 -11.24 -4.72
CA VAL A 250 16.02 -12.03 -5.84
C VAL A 250 15.56 -11.12 -6.97
N ASP A 251 14.87 -10.03 -6.64
CA ASP A 251 14.41 -9.11 -7.69
C ASP A 251 15.60 -8.47 -8.41
N LYS A 252 16.66 -8.25 -7.71
CA LYS A 252 17.84 -7.62 -8.26
C LYS A 252 18.40 -8.42 -9.40
N TYR A 253 18.26 -9.73 -9.37
CA TYR A 253 18.71 -10.60 -10.46
C TYR A 253 17.62 -10.80 -11.52
N GLY A 254 16.56 -10.00 -11.49
CA GLY A 254 15.51 -10.06 -12.48
C GLY A 254 14.45 -11.12 -12.24
N PHE A 255 14.53 -11.87 -11.16
CA PHE A 255 13.62 -12.98 -10.91
C PHE A 255 12.36 -12.51 -10.19
N THR A 256 11.66 -11.57 -10.82
CA THR A 256 10.52 -10.92 -10.16
C THR A 256 9.31 -11.84 -10.06
N ASP A 257 9.21 -12.87 -10.89
CA ASP A 257 8.11 -13.82 -10.84
C ASP A 257 8.40 -15.01 -9.93
N THR A 258 9.61 -15.12 -9.43
CA THR A 258 10.01 -16.25 -8.60
C THR A 258 9.45 -16.07 -7.18
N GLU A 259 8.84 -17.14 -6.65
CA GLU A 259 8.28 -17.08 -5.31
C GLU A 259 9.37 -17.26 -4.25
N LEU A 260 9.08 -16.78 -3.04
CA LEU A 260 9.94 -17.00 -1.88
C LEU A 260 9.36 -18.14 -1.05
N LEU A 261 10.14 -19.20 -0.86
CA LEU A 261 9.68 -20.34 -0.08
C LEU A 261 10.51 -20.44 1.19
N LEU A 262 9.84 -20.36 2.34
CA LEU A 262 10.48 -20.45 3.64
C LEU A 262 10.53 -21.93 4.04
N SER A 263 11.66 -22.59 3.77
CA SER A 263 11.75 -24.05 3.89
C SER A 263 11.85 -24.53 5.33
N TYR A 264 12.33 -23.68 6.24
CA TYR A 264 12.36 -23.95 7.68
C TYR A 264 12.00 -22.66 8.38
N TRP A 265 11.11 -22.73 9.35
CA TRP A 265 10.93 -21.62 10.27
C TRP A 265 10.46 -22.18 11.60
N SER A 266 10.97 -21.60 12.67
CA SER A 266 10.76 -22.09 14.02
C SER A 266 11.26 -21.03 14.97
N MSE A 267 10.76 -21.06 16.21
CA MSE A 267 11.35 -20.16 17.19
C MSE A 267 12.81 -20.53 17.42
O MSE A 267 13.63 -19.65 17.61
CB MSE A 267 10.63 -20.16 18.53
CG MSE A 267 11.23 -19.12 19.46
SE MSE A 267 10.15 -18.78 21.05
CE MSE A 267 10.95 -20.11 22.19
N THR A 268 13.13 -21.82 17.40
CA THR A 268 14.50 -22.27 17.64
C THR A 268 14.89 -23.33 16.61
N GLY A 269 16.15 -23.27 16.18
CA GLY A 269 16.68 -24.28 15.29
C GLY A 269 18.01 -24.83 15.75
N ILE A 270 18.45 -24.40 16.92
CA ILE A 270 19.69 -24.87 17.52
C ILE A 270 19.36 -26.08 18.38
N PRO A 271 19.99 -27.24 18.16
CA PRO A 271 19.51 -28.49 18.76
C PRO A 271 19.66 -28.56 20.27
N THR A 272 20.31 -27.58 20.90
CA THR A 272 20.40 -27.47 22.35
C THR A 272 19.51 -26.35 22.89
N ALA A 273 18.57 -25.85 22.10
CA ALA A 273 17.77 -24.72 22.54
C ALA A 273 16.81 -25.14 23.65
N LYS A 274 16.59 -24.21 24.56
CA LYS A 274 15.73 -24.38 25.70
C LYS A 274 14.60 -23.32 25.68
N PHE A 275 13.38 -23.70 26.02
CA PHE A 275 12.25 -22.78 25.95
C PHE A 275 11.12 -23.40 26.73
N GLU A 276 10.15 -22.57 27.09
CA GLU A 276 8.89 -23.07 27.62
C GLU A 276 7.96 -23.44 26.46
N ASP A 277 7.23 -24.54 26.65
CA ASP A 277 6.20 -24.96 25.70
C ASP A 277 5.27 -23.81 25.33
N PHE A 278 4.76 -23.09 26.34
CA PHE A 278 3.72 -22.11 26.07
C PHE A 278 4.28 -20.83 25.44
N ASP A 279 5.53 -20.47 25.78
CA ASP A 279 6.19 -19.35 25.09
C ASP A 279 6.32 -19.63 23.60
N ASN A 280 6.78 -20.84 23.27
CA ASN A 280 7.00 -21.23 21.89
C ASN A 280 5.69 -21.25 21.12
N ALA A 281 4.62 -21.78 21.73
CA ALA A 281 3.29 -21.79 21.12
C ALA A 281 2.84 -20.38 20.76
N ALA A 282 2.98 -19.44 21.70
CA ALA A 282 2.57 -18.07 21.40
C ALA A 282 3.45 -17.47 20.32
N PHE A 283 4.74 -17.80 20.33
CA PHE A 283 5.64 -17.31 19.28
C PHE A 283 5.19 -17.79 17.91
N LEU A 284 4.93 -19.09 17.77
CA LEU A 284 4.66 -19.60 16.43
C LEU A 284 3.32 -19.08 15.90
N ALA A 285 2.34 -18.85 16.79
CA ALA A 285 1.09 -18.25 16.33
C ALA A 285 1.31 -16.80 15.92
N ALA A 286 2.06 -16.02 16.70
CA ALA A 286 2.33 -14.65 16.29
C ALA A 286 3.14 -14.60 15.01
N ALA A 287 4.10 -15.52 14.85
CA ALA A 287 4.92 -15.51 13.64
C ALA A 287 4.08 -15.80 12.39
N ALA A 288 3.19 -16.79 12.48
CA ALA A 288 2.27 -17.06 11.38
C ALA A 288 1.43 -15.82 11.05
N ILE A 289 0.90 -15.13 12.06
CA ILE A 289 0.08 -13.95 11.80
C ILE A 289 0.91 -12.88 11.11
N TYR A 290 2.11 -12.61 11.63
CA TYR A 290 2.91 -11.54 11.05
C TYR A 290 3.36 -11.89 9.64
N MSE A 291 3.65 -13.16 9.34
CA MSE A 291 4.17 -13.47 8.01
C MSE A 291 3.05 -13.57 6.99
O MSE A 291 3.31 -13.65 5.80
CB MSE A 291 5.00 -14.76 8.04
CG MSE A 291 4.16 -16.03 8.12
SE MSE A 291 5.29 -17.60 7.89
CE MSE A 291 6.24 -17.59 9.58
N GLN A 292 1.79 -13.56 7.44
CA GLN A 292 0.68 -13.54 6.50
C GLN A 292 0.73 -12.27 5.64
N ASP A 293 1.29 -11.20 6.18
CA ASP A 293 1.53 -9.95 5.46
C ASP A 293 3.04 -9.81 5.25
N SER A 294 3.54 -10.45 4.20
CA SER A 294 4.99 -10.51 4.02
C SER A 294 5.30 -10.98 2.61
N GLU A 295 6.59 -10.99 2.26
CA GLU A 295 7.02 -11.53 0.99
C GLU A 295 7.11 -13.06 0.98
N VAL A 296 6.79 -13.73 2.09
CA VAL A 296 6.75 -15.18 2.10
C VAL A 296 5.57 -15.66 1.26
N ASP A 297 5.85 -16.54 0.30
CA ASP A 297 4.79 -17.09 -0.54
C ASP A 297 4.36 -18.49 -0.12
N LYS A 298 5.28 -19.26 0.46
CA LYS A 298 5.01 -20.58 1.00
C LYS A 298 5.92 -20.77 2.21
N ALA A 299 5.42 -21.47 3.22
CA ALA A 299 6.15 -21.60 4.47
C ALA A 299 6.06 -23.02 5.00
N ILE A 300 7.16 -23.46 5.61
CA ILE A 300 7.32 -24.82 6.14
C ILE A 300 7.76 -24.69 7.60
N PHE A 301 6.83 -24.90 8.52
CA PHE A 301 7.16 -24.89 9.93
C PHE A 301 7.98 -26.12 10.31
N PHE A 302 9.02 -25.91 11.13
CA PHE A 302 9.98 -26.94 11.50
C PHE A 302 9.88 -27.19 13.01
N ARG A 303 9.46 -28.39 13.43
CA ARG A 303 8.90 -29.47 12.62
C ARG A 303 7.73 -30.06 13.42
N ALA A 304 6.65 -30.44 12.72
CA ALA A 304 5.41 -30.91 13.37
C ALA A 304 5.42 -32.41 13.62
N ASP A 305 6.42 -32.87 14.36
CA ASP A 305 6.42 -34.27 14.79
C ASP A 305 7.14 -34.34 16.15
N THR A 306 7.49 -35.56 16.58
CA THR A 306 8.17 -35.72 17.85
C THR A 306 9.62 -35.26 17.82
N GLY A 307 10.14 -34.87 16.67
CA GLY A 307 11.52 -34.51 16.56
C GLY A 307 12.46 -35.67 16.40
N ALA A 308 11.94 -36.90 16.38
CA ALA A 308 12.74 -38.08 16.11
C ALA A 308 13.37 -37.93 14.73
N ASP A 309 14.69 -37.81 14.68
CA ASP A 309 15.43 -37.45 13.48
C ASP A 309 16.24 -38.67 13.08
N PHE A 310 15.89 -39.28 11.96
CA PHE A 310 16.50 -40.53 11.52
C PHE A 310 17.66 -40.31 10.57
N HIS A 311 18.15 -39.08 10.48
CA HIS A 311 19.36 -38.75 9.75
C HIS A 311 20.51 -38.41 10.69
N TYR A 312 20.27 -37.51 11.64
CA TYR A 312 21.20 -37.23 12.73
C TYR A 312 21.05 -38.19 13.91
N ASN A 313 19.97 -38.96 13.95
CA ASN A 313 19.75 -40.00 14.97
C ASN A 313 19.74 -39.41 16.39
N PHE A 314 18.90 -38.40 16.59
CA PHE A 314 18.60 -37.84 17.90
C PHE A 314 17.17 -37.31 17.87
N THR A 315 16.74 -36.72 18.99
CA THR A 315 15.43 -36.10 19.09
C THR A 315 15.61 -34.59 19.05
N ASP A 316 15.24 -34.00 17.94
CA ASP A 316 15.41 -32.58 17.75
C ASP A 316 14.38 -31.82 18.60
N PRO A 317 14.79 -30.89 19.45
CA PRO A 317 13.82 -30.16 20.26
C PRO A 317 12.89 -29.28 19.44
N ALA A 318 13.20 -29.01 18.18
CA ALA A 318 12.25 -28.31 17.32
C ALA A 318 11.01 -29.13 17.01
N GLY A 319 11.03 -30.44 17.26
CA GLY A 319 9.82 -31.24 17.14
C GLY A 319 8.81 -30.83 18.20
N ILE A 320 7.63 -30.38 17.80
CA ILE A 320 6.73 -29.76 18.77
C ILE A 320 5.90 -30.77 19.55
N PHE A 321 5.79 -32.01 19.09
CA PHE A 321 5.08 -33.02 19.85
C PHE A 321 5.96 -33.60 20.96
N GLU A 322 5.32 -34.15 22.00
CA GLU A 322 6.09 -34.88 22.99
C GLU A 322 6.70 -36.14 22.36
N ASP A 323 7.74 -36.66 23.02
CA ASP A 323 8.42 -37.87 22.54
C ASP A 323 7.44 -38.99 22.17
N ASP A 324 6.35 -39.13 22.92
CA ASP A 324 5.42 -40.23 22.69
C ASP A 324 4.27 -39.87 21.76
N GLY A 325 4.33 -38.69 21.13
CA GLY A 325 3.29 -38.27 20.24
C GLY A 325 2.17 -37.47 20.88
N SER A 326 2.23 -37.26 22.19
CA SER A 326 1.13 -36.56 22.85
C SER A 326 1.28 -35.05 22.64
N GLN A 327 0.23 -34.31 23.05
CA GLN A 327 0.04 -32.93 22.63
C GLN A 327 0.30 -31.97 23.77
N ASN A 328 0.40 -30.69 23.40
CA ASN A 328 0.82 -29.65 24.34
C ASN A 328 0.36 -28.31 23.78
N ALA A 329 0.90 -27.23 24.34
CA ALA A 329 0.50 -25.90 23.87
C ALA A 329 1.02 -25.65 22.45
N ARG A 330 2.23 -26.12 22.13
CA ARG A 330 2.75 -25.91 20.77
C ARG A 330 1.89 -26.62 19.74
N THR A 331 1.53 -27.89 19.99
CA THR A 331 0.69 -28.58 19.03
C THR A 331 -0.71 -27.97 19.00
N GLY A 332 -1.16 -27.41 20.12
CA GLY A 332 -2.44 -26.74 20.12
C GLY A 332 -2.40 -25.50 19.24
N ALA A 333 -1.40 -24.66 19.44
CA ALA A 333 -1.25 -23.46 18.62
C ALA A 333 -1.09 -23.83 17.14
N PHE A 334 -0.35 -24.90 16.87
CA PHE A 334 -0.16 -25.34 15.48
C PHE A 334 -1.49 -25.63 14.80
N GLN A 335 -2.42 -26.30 15.50
CA GLN A 335 -3.72 -26.60 14.92
C GLN A 335 -4.56 -25.33 14.77
N LEU A 336 -4.60 -24.48 15.79
CA LEU A 336 -5.44 -23.28 15.71
C LEU A 336 -4.95 -22.35 14.61
N VAL A 337 -3.63 -22.24 14.44
CA VAL A 337 -3.08 -21.45 13.33
C VAL A 337 -3.55 -22.02 12.00
N GLY A 338 -3.34 -23.31 11.78
CA GLY A 338 -3.69 -23.89 10.50
C GLY A 338 -5.17 -23.75 10.18
N GLN A 339 -6.02 -23.91 11.20
CA GLN A 339 -7.45 -23.75 10.97
C GLN A 339 -7.78 -22.33 10.54
N THR A 340 -7.09 -21.35 11.13
CA THR A 340 -7.31 -19.96 10.75
C THR A 340 -6.83 -19.70 9.33
N LEU A 341 -5.65 -20.23 8.98
CA LEU A 341 -5.08 -20.07 7.64
C LEU A 341 -5.87 -20.84 6.58
N ALA A 342 -6.70 -21.79 6.99
CA ALA A 342 -7.49 -22.53 6.03
C ALA A 342 -8.76 -21.80 5.61
N THR A 343 -9.14 -20.72 6.31
CA THR A 343 -10.24 -19.91 5.81
C THR A 343 -9.84 -19.30 4.47
N THR A 344 -10.82 -18.92 3.69
CA THR A 344 -10.50 -18.43 2.36
C THR A 344 -10.64 -16.93 2.23
N GLU A 345 -11.58 -16.34 2.95
CA GLU A 345 -11.80 -14.90 2.88
C GLU A 345 -11.26 -14.28 4.16
N ARG A 346 -10.20 -13.49 4.04
CA ARG A 346 -9.67 -12.81 5.20
C ARG A 346 -10.59 -11.66 5.58
N LEU A 347 -10.79 -11.48 6.88
CA LEU A 347 -11.66 -10.45 7.43
C LEU A 347 -10.81 -9.39 8.11
N ALA A 348 -11.32 -8.16 8.16
CA ALA A 348 -10.60 -7.08 8.84
C ALA A 348 -10.69 -7.24 10.34
N ILE A 349 -9.53 -7.26 11.01
CA ILE A 349 -9.47 -7.15 12.47
C ILE A 349 -8.55 -5.99 12.83
N THR A 350 -9.05 -5.11 13.68
CA THR A 350 -8.37 -3.87 14.04
C THR A 350 -8.10 -3.87 15.54
N GLY A 351 -6.90 -3.45 15.92
CA GLY A 351 -6.56 -3.30 17.32
C GLY A 351 -5.41 -4.14 17.78
N GLY A 352 -4.89 -5.06 16.96
CA GLY A 352 -3.68 -5.77 17.31
C GLY A 352 -2.50 -4.83 17.24
N ASP A 353 -1.33 -5.36 17.55
CA ASP A 353 -0.12 -4.54 17.44
C ASP A 353 1.00 -5.37 16.82
N ASP A 354 2.16 -4.73 16.63
CA ASP A 354 3.33 -5.42 16.09
C ASP A 354 4.36 -5.76 17.16
N ASN A 355 3.97 -5.69 18.45
CA ASN A 355 4.83 -6.04 19.58
C ASN A 355 4.41 -7.35 20.25
N GLY A 356 3.77 -8.24 19.52
CA GLY A 356 3.49 -9.57 20.01
C GLY A 356 2.03 -9.85 20.33
N PHE A 357 1.16 -8.86 20.30
CA PHE A 357 -0.28 -9.11 20.46
C PHE A 357 -0.89 -9.15 19.06
N ALA A 358 -0.82 -10.32 18.44
CA ALA A 358 -1.12 -10.49 17.02
C ALA A 358 -2.50 -11.11 16.85
N ALA A 359 -3.25 -10.62 15.88
CA ALA A 359 -4.60 -11.11 15.66
C ALA A 359 -4.87 -11.20 14.17
N LEU A 360 -5.72 -12.15 13.80
CA LEU A 360 -5.99 -12.51 12.42
C LEU A 360 -7.40 -13.07 12.33
N ALA A 361 -8.14 -12.69 11.31
CA ALA A 361 -9.53 -13.12 11.19
C ALA A 361 -9.85 -13.56 9.77
N GLY A 362 -10.72 -14.55 9.65
CA GLY A 362 -11.10 -15.04 8.33
C GLY A 362 -12.39 -15.83 8.40
N ARG A 363 -12.97 -16.09 7.24
CA ARG A 363 -14.19 -16.90 7.20
C ARG A 363 -14.10 -17.94 6.10
N THR A 364 -14.80 -19.06 6.29
CA THR A 364 -14.74 -20.16 5.33
C THR A 364 -15.50 -19.84 4.06
N ALA A 365 -15.23 -20.62 3.00
CA ALA A 365 -15.82 -20.33 1.70
C ALA A 365 -17.34 -20.36 1.75
N ASP A 366 -17.93 -21.28 2.52
CA ASP A 366 -19.38 -21.36 2.61
C ASP A 366 -20.00 -20.27 3.47
N GLY A 367 -19.18 -19.40 4.07
CA GLY A 367 -19.66 -18.28 4.85
C GLY A 367 -20.23 -18.60 6.22
N ASP A 368 -20.21 -19.87 6.64
CA ASP A 368 -20.88 -20.27 7.87
C ASP A 368 -19.95 -20.32 9.09
N THR A 369 -18.65 -20.07 8.91
CA THR A 369 -17.70 -20.17 10.01
C THR A 369 -16.76 -18.96 9.98
N ILE A 370 -16.71 -18.20 11.07
CA ILE A 370 -15.74 -17.13 11.27
C ILE A 370 -14.68 -17.62 12.26
N ARG A 371 -13.40 -17.38 11.96
CA ARG A 371 -12.31 -17.75 12.87
C ARG A 371 -11.48 -16.51 13.22
N ILE A 372 -11.27 -16.27 14.50
CA ILE A 372 -10.48 -15.14 14.98
C ILE A 372 -9.38 -15.67 15.87
N LEU A 373 -8.14 -15.53 15.43
CA LEU A 373 -6.96 -16.07 16.09
C LEU A 373 -6.23 -14.93 16.78
N ILE A 374 -5.87 -15.13 18.05
CA ILE A 374 -5.21 -14.12 18.86
C ILE A 374 -4.03 -14.77 19.58
N SER A 375 -2.84 -14.18 19.43
CA SER A 375 -1.69 -14.60 20.22
C SER A 375 -1.18 -13.43 21.03
N ASN A 376 -0.91 -13.67 22.31
CA ASN A 376 -0.32 -12.69 23.21
C ASN A 376 1.09 -13.18 23.51
N TYR A 377 2.07 -12.67 22.76
CA TYR A 377 3.46 -13.11 22.87
C TYR A 377 4.34 -11.93 23.29
N ALA A 378 5.28 -12.18 24.21
CA ALA A 378 6.20 -11.15 24.68
C ALA A 378 7.63 -11.56 24.37
N ILE A 379 8.34 -10.72 23.62
CA ILE A 379 9.78 -10.92 23.48
C ILE A 379 10.43 -10.79 24.85
N PRO A 380 11.25 -11.75 25.30
CA PRO A 380 11.88 -11.62 26.61
C PRO A 380 12.82 -10.43 26.66
N ASP A 381 12.93 -9.84 27.86
CA ASP A 381 13.72 -8.61 28.03
C ASP A 381 15.13 -8.74 27.48
N MSE A 382 15.79 -9.87 27.71
CA MSE A 382 17.19 -9.95 27.32
C MSE A 382 17.33 -9.89 25.81
O MSE A 382 18.40 -9.56 25.30
CB MSE A 382 17.84 -11.22 27.86
CG MSE A 382 17.19 -12.48 27.40
SE MSE A 382 18.33 -14.02 27.80
CE MSE A 382 16.94 -15.36 27.74
N TYR A 383 16.25 -10.17 25.07
CA TYR A 383 16.30 -10.05 23.62
C TYR A 383 15.88 -8.67 23.11
N LEU A 384 15.59 -7.74 24.01
CA LEU A 384 15.30 -6.36 23.62
C LEU A 384 16.50 -5.43 23.76
N THR A 385 17.67 -5.99 24.10
CA THR A 385 18.92 -5.24 24.13
C THR A 385 19.57 -5.30 22.75
N ALA A 386 19.99 -4.15 22.23
CA ALA A 386 20.69 -4.14 20.95
C ALA A 386 22.03 -4.84 21.09
N ARG A 387 22.42 -5.55 20.03
CA ARG A 387 23.75 -6.16 19.98
C ARG A 387 24.80 -5.11 19.65
N ASP A 388 26.04 -5.36 20.12
CA ASP A 388 27.20 -4.60 19.63
C ASP A 388 27.37 -4.76 18.13
N ARG A 389 27.22 -5.99 17.65
CA ARG A 389 27.42 -6.34 16.25
C ARG A 389 26.31 -7.30 15.86
N ASP A 390 25.66 -7.05 14.74
CA ASP A 390 24.49 -7.85 14.36
C ASP A 390 24.90 -9.11 13.62
N VAL A 391 25.62 -9.95 14.36
CA VAL A 391 26.07 -11.27 13.92
C VAL A 391 25.80 -12.23 15.06
N PHE A 392 25.24 -13.39 14.73
CA PHE A 392 24.97 -14.43 15.70
C PHE A 392 26.02 -15.52 15.55
N GLU A 393 26.65 -15.90 16.65
CA GLU A 393 27.69 -16.92 16.66
C GLU A 393 27.25 -18.08 17.53
N PHE A 394 27.39 -19.29 17.00
CA PHE A 394 26.93 -20.48 17.73
C PHE A 394 27.88 -21.64 17.42
N GLN A 395 27.81 -22.66 18.27
CA GLN A 395 28.60 -23.87 18.13
C GLN A 395 27.81 -24.94 17.38
N VAL A 396 28.53 -25.75 16.60
CA VAL A 396 27.92 -26.88 15.92
C VAL A 396 28.55 -28.18 16.43
N ASP A 404 31.93 -24.10 15.31
CA ASP A 404 31.80 -22.66 15.48
C ASP A 404 31.37 -21.97 14.18
N MSE A 405 30.18 -21.38 14.19
CA MSE A 405 29.65 -20.73 13.00
C MSE A 405 29.03 -19.36 13.30
O MSE A 405 28.80 -19.02 14.46
CB MSE A 405 28.61 -21.63 12.34
CG MSE A 405 29.16 -22.95 11.83
SE MSE A 405 28.30 -23.49 10.18
CE MSE A 405 28.85 -21.99 9.08
N SER A 406 28.75 -18.60 12.25
CA SER A 406 28.23 -17.25 12.40
C SER A 406 27.39 -16.87 11.19
N LEU A 407 26.35 -16.07 11.42
CA LEU A 407 25.51 -15.57 10.35
C LEU A 407 25.07 -14.15 10.68
N ASN A 408 24.74 -13.39 9.63
CA ASN A 408 24.18 -12.05 9.80
C ASN A 408 22.73 -12.14 10.25
N VAL A 409 22.37 -11.33 11.25
CA VAL A 409 21.01 -11.29 11.80
C VAL A 409 20.53 -9.86 11.70
N PRO A 410 19.23 -9.61 11.55
CA PRO A 410 18.75 -8.23 11.48
C PRO A 410 18.96 -7.54 12.82
N PRO A 411 19.01 -6.20 12.82
CA PRO A 411 19.04 -5.48 14.10
C PRO A 411 17.80 -5.81 14.92
N ARG A 412 18.01 -6.02 16.21
CA ARG A 412 16.89 -6.34 17.09
C ARG A 412 15.94 -5.15 17.19
N ARG A 413 14.64 -5.47 17.29
CA ARG A 413 13.59 -4.46 17.42
C ARG A 413 13.50 -4.04 18.89
N VAL A 414 14.39 -3.12 19.27
CA VAL A 414 14.55 -2.82 20.69
C VAL A 414 13.32 -2.15 21.27
N ASP A 415 12.45 -1.58 20.44
CA ASP A 415 11.23 -0.92 20.90
C ASP A 415 10.01 -1.84 20.89
N ALA A 416 10.19 -3.14 20.64
CA ALA A 416 9.09 -4.06 20.47
C ALA A 416 8.68 -4.77 21.75
N ARG A 417 8.90 -4.15 22.92
CA ARG A 417 8.44 -4.73 24.18
C ARG A 417 6.93 -4.93 24.14
N SER A 418 6.46 -6.04 24.73
CA SER A 418 5.03 -6.33 24.73
C SER A 418 4.28 -5.25 25.51
N THR A 419 3.05 -4.96 25.05
CA THR A 419 2.21 -4.01 25.77
C THR A 419 1.81 -4.54 27.14
N GLY A 420 1.88 -5.85 27.33
CA GLY A 420 1.54 -6.43 28.61
C GLY A 420 0.06 -6.61 28.86
N TYR A 421 -0.76 -6.69 27.81
CA TYR A 421 -2.18 -7.01 27.98
C TYR A 421 -2.36 -8.26 28.83
N SER A 422 -3.37 -8.22 29.70
CA SER A 422 -3.80 -9.37 30.46
C SER A 422 -5.09 -9.96 29.93
N GLY A 423 -5.70 -9.33 28.93
CA GLY A 423 -6.92 -9.84 28.34
C GLY A 423 -7.34 -8.96 27.19
N TYR A 424 -8.52 -9.28 26.65
CA TYR A 424 -9.00 -8.61 25.45
C TYR A 424 -10.52 -8.55 25.51
N THR A 425 -11.08 -7.59 24.79
CA THR A 425 -12.48 -7.67 24.41
C THR A 425 -12.54 -7.51 22.90
N LEU A 426 -13.47 -8.23 22.28
CA LEU A 426 -13.50 -8.39 20.83
C LEU A 426 -14.93 -8.21 20.34
N GLU A 427 -15.16 -7.25 19.46
CA GLU A 427 -16.50 -7.03 18.92
C GLU A 427 -16.54 -7.46 17.46
N ILE A 428 -17.39 -8.44 17.16
CA ILE A 428 -17.58 -8.93 15.80
C ILE A 428 -18.94 -8.44 15.32
N GLY A 429 -18.94 -7.64 14.26
CA GLY A 429 -20.18 -7.14 13.71
C GLY A 429 -20.48 -7.70 12.34
N HIS A 430 -21.73 -7.53 11.90
CA HIS A 430 -22.16 -7.90 10.55
C HIS A 430 -21.92 -9.37 10.24
N LEU A 431 -22.30 -10.25 11.16
CA LEU A 431 -22.20 -11.68 10.89
C LEU A 431 -22.93 -11.97 9.58
N PRO A 432 -22.32 -12.70 8.64
CA PRO A 432 -22.80 -12.66 7.25
C PRO A 432 -24.09 -13.41 7.02
N TRP A 433 -24.45 -14.34 7.91
CA TRP A 433 -25.71 -15.06 7.80
C TRP A 433 -26.86 -14.33 8.50
N GLY A 434 -26.60 -13.14 9.01
CA GLY A 434 -27.65 -12.32 9.59
C GLY A 434 -27.72 -12.38 11.10
N ASP A 435 -28.91 -12.06 11.61
CA ASP A 435 -29.10 -11.88 13.05
C ASP A 435 -29.75 -13.10 13.71
N GLY A 436 -29.73 -14.26 13.04
CA GLY A 436 -30.31 -15.46 13.59
C GLY A 436 -29.41 -16.14 14.61
N PRO A 437 -29.74 -17.38 14.95
CA PRO A 437 -28.95 -18.11 15.95
C PRO A 437 -27.52 -18.36 15.48
N HIS A 438 -26.58 -18.23 16.42
CA HIS A 438 -25.18 -18.51 16.14
C HIS A 438 -24.56 -19.20 17.34
N ARG A 439 -23.41 -19.83 17.12
CA ARG A 439 -22.63 -20.47 18.18
C ARG A 439 -21.27 -19.81 18.28
N VAL A 440 -20.83 -19.55 19.52
CA VAL A 440 -19.52 -19.00 19.82
C VAL A 440 -18.75 -20.06 20.60
N VAL A 441 -17.63 -20.53 20.04
CA VAL A 441 -16.76 -21.51 20.69
C VAL A 441 -15.37 -20.90 20.83
N ARG A 442 -14.69 -21.24 21.92
CA ARG A 442 -13.35 -20.73 22.20
C ARG A 442 -12.39 -21.87 22.50
N TYR A 443 -11.23 -21.87 21.84
CA TYR A 443 -10.15 -22.83 22.05
C TYR A 443 -8.90 -22.11 22.55
N ARG A 444 -8.13 -22.78 23.42
CA ARG A 444 -7.02 -22.13 24.12
C ARG A 444 -5.79 -23.00 24.13
N ALA A 445 -4.63 -22.43 23.82
CA ALA A 445 -3.34 -23.10 24.01
C ALA A 445 -2.47 -22.20 24.87
N ASP A 446 -2.16 -22.66 26.08
CA ASP A 446 -1.34 -21.86 26.98
C ASP A 446 -0.72 -22.80 28.02
N ARG A 447 -0.24 -22.26 29.13
CA ARG A 447 0.45 -23.08 30.11
C ARG A 447 -0.45 -24.13 30.72
N ASP A 448 -1.76 -23.99 30.59
CA ASP A 448 -2.71 -24.94 31.15
C ASP A 448 -3.54 -25.69 30.12
N HIS A 449 -3.36 -25.41 28.82
CA HIS A 449 -4.25 -25.97 27.82
C HIS A 449 -3.49 -26.25 26.54
N LYS A 450 -3.96 -27.27 25.82
CA LYS A 450 -3.34 -27.81 24.61
C LYS A 450 -4.17 -27.58 23.36
N GLY A 451 -4.93 -26.49 23.31
CA GLY A 451 -5.74 -26.23 22.14
C GLY A 451 -7.17 -26.74 22.20
N GLU A 452 -7.59 -27.34 23.32
CA GLU A 452 -8.95 -27.85 23.42
C GLU A 452 -9.93 -26.70 23.62
N MSE A 453 -11.21 -27.02 23.41
CA MSE A 453 -12.31 -26.07 23.61
C MSE A 453 -12.46 -25.74 25.08
O MSE A 453 -12.45 -26.63 25.92
CB MSE A 453 -13.61 -26.63 23.07
CG MSE A 453 -14.79 -25.69 23.21
SE MSE A 453 -16.48 -26.57 22.85
CE MSE A 453 -16.16 -27.28 21.07
N LEU A 454 -12.60 -24.45 25.40
CA LEU A 454 -12.76 -24.06 26.80
C LEU A 454 -14.21 -23.79 27.18
N ASP A 455 -14.98 -23.15 26.29
CA ASP A 455 -16.38 -22.86 26.56
C ASP A 455 -17.08 -22.59 25.24
N SER A 456 -18.38 -22.42 25.33
CA SER A 456 -19.23 -22.19 24.16
C SER A 456 -20.61 -21.78 24.64
N HIS A 457 -21.31 -21.06 23.78
CA HIS A 457 -22.69 -20.69 24.02
C HIS A 457 -23.34 -20.39 22.68
N GLU A 458 -24.66 -20.30 22.70
CA GLU A 458 -25.44 -19.93 21.53
C GLU A 458 -26.18 -18.63 21.83
N GLY A 459 -26.35 -17.83 20.79
CA GLY A 459 -27.00 -16.55 20.94
C GLY A 459 -27.59 -16.14 19.61
N ARG A 460 -28.12 -14.92 19.58
CA ARG A 460 -28.74 -14.36 18.40
C ARG A 460 -28.18 -12.96 18.16
N GLY A 461 -28.52 -12.40 17.01
CA GLY A 461 -28.04 -11.08 16.66
C GLY A 461 -26.90 -11.16 15.67
N SER A 462 -26.73 -10.08 14.90
CA SER A 462 -25.65 -10.04 13.92
C SER A 462 -24.33 -9.56 14.50
N SER A 463 -24.31 -9.17 15.77
CA SER A 463 -23.08 -8.79 16.45
C SER A 463 -22.87 -9.68 17.66
N VAL A 464 -21.60 -9.90 17.99
CA VAL A 464 -21.25 -10.65 19.18
C VAL A 464 -20.02 -10.01 19.81
N THR A 465 -20.03 -9.93 21.13
CA THR A 465 -18.89 -9.45 21.89
C THR A 465 -18.34 -10.61 22.70
N VAL A 466 -17.02 -10.79 22.62
CA VAL A 466 -16.31 -11.84 23.33
C VAL A 466 -15.21 -11.18 24.14
N GLN A 467 -15.09 -11.56 25.41
CA GLN A 467 -13.98 -11.03 26.20
C GLN A 467 -13.42 -12.15 27.07
N ASN A 468 -12.11 -12.08 27.31
CA ASN A 468 -11.45 -13.11 28.09
C ASN A 468 -10.17 -12.56 28.67
N LYS A 469 -9.74 -13.15 29.79
CA LYS A 469 -8.37 -12.96 30.22
C LYS A 469 -7.48 -13.85 29.36
N LEU A 470 -6.33 -13.30 28.96
CA LEU A 470 -5.41 -14.02 28.07
C LEU A 470 -4.02 -13.46 28.39
N ALA A 471 -3.36 -14.04 29.38
CA ALA A 471 -2.04 -13.58 29.77
C ALA A 471 -1.04 -13.82 28.65
N VAL A 472 0.13 -13.19 28.79
CA VAL A 472 1.18 -13.42 27.81
C VAL A 472 1.51 -14.89 27.71
N SER A 473 1.97 -15.31 26.52
CA SER A 473 2.26 -16.71 26.20
C SER A 473 0.98 -17.53 26.14
N GLY A 474 -0.05 -16.98 25.52
CA GLY A 474 -1.29 -17.70 25.30
C GLY A 474 -1.82 -17.43 23.91
N VAL A 475 -2.56 -18.41 23.39
CA VAL A 475 -3.11 -18.39 22.04
C VAL A 475 -4.59 -18.77 22.13
N GLU A 476 -5.45 -17.94 21.52
CA GLU A 476 -6.88 -18.21 21.55
C GLU A 476 -7.55 -18.12 20.20
N LEU A 477 -8.39 -19.12 19.91
CA LEU A 477 -9.17 -19.15 18.67
C LEU A 477 -10.63 -18.98 19.05
N ILE A 478 -11.26 -17.96 18.51
CA ILE A 478 -12.70 -17.75 18.67
C ILE A 478 -13.35 -18.19 17.38
N GLU A 479 -14.30 -19.10 17.49
CA GLU A 479 -14.99 -19.63 16.32
C GLU A 479 -16.47 -19.28 16.44
N ILE A 480 -17.00 -18.57 15.45
CA ILE A 480 -18.42 -18.22 15.40
C ILE A 480 -19.06 -18.93 14.21
N THR A 481 -20.15 -19.65 14.45
CA THR A 481 -20.78 -20.43 13.40
C THR A 481 -22.27 -20.15 13.32
N ARG A 482 -22.82 -20.29 12.12
CA ARG A 482 -24.26 -20.25 11.96
C ARG A 482 -24.88 -21.51 12.56
N VAL A 483 -25.97 -21.34 13.30
CA VAL A 483 -26.68 -22.47 13.87
C VAL A 483 -27.84 -22.81 12.95
N SER A 484 -27.84 -24.03 12.44
CA SER A 484 -28.88 -24.51 11.52
C SER A 484 -30.25 -24.49 12.19
N THR B 2 -2.80 -10.79 -9.82
CA THR B 2 -3.81 -11.55 -9.10
C THR B 2 -4.83 -10.65 -8.39
N SER B 3 -6.03 -11.17 -8.18
CA SER B 3 -7.07 -10.39 -7.54
C SER B 3 -7.08 -10.63 -6.03
N ASP B 4 -7.83 -9.78 -5.34
CA ASP B 4 -8.12 -9.94 -3.91
C ASP B 4 -6.83 -9.97 -3.07
N LEU B 5 -5.87 -9.15 -3.46
CA LEU B 5 -4.65 -8.94 -2.71
C LEU B 5 -4.86 -7.86 -1.66
N ILE B 6 -4.13 -7.96 -0.55
CA ILE B 6 -4.26 -7.04 0.56
C ILE B 6 -3.00 -6.20 0.67
N ALA B 7 -3.16 -4.89 0.47
CA ALA B 7 -2.03 -3.98 0.59
C ALA B 7 -1.53 -3.99 2.04
N LYS B 8 -0.21 -4.00 2.20
CA LYS B 8 0.39 -4.01 3.53
C LYS B 8 1.11 -2.68 3.71
N LEU B 9 0.59 -1.85 4.61
CA LEU B 9 1.08 -0.49 4.80
C LEU B 9 1.73 -0.39 6.17
N SER B 10 2.79 0.41 6.26
CA SER B 10 3.48 0.62 7.51
C SER B 10 3.78 2.11 7.67
N VAL B 11 3.56 2.62 8.89
CA VAL B 11 3.84 4.01 9.24
C VAL B 11 4.56 4.03 10.58
N ASN B 12 5.75 4.61 10.60
CA ASN B 12 6.42 4.97 11.84
C ASN B 12 5.94 6.37 12.18
N ALA B 13 5.10 6.48 13.20
CA ALA B 13 4.47 7.76 13.50
C ALA B 13 5.34 8.67 14.35
N GLY B 14 6.57 8.26 14.64
CA GLY B 14 7.44 9.06 15.49
C GLY B 14 8.62 9.67 14.74
N GLU B 15 8.73 9.36 13.45
CA GLU B 15 9.85 9.80 12.62
C GLU B 15 9.36 10.71 11.50
N PRO B 16 9.32 12.02 11.72
CA PRO B 16 9.00 12.93 10.63
C PRO B 16 10.06 12.86 9.54
N ILE B 17 9.63 13.03 8.30
CA ILE B 17 10.53 13.02 7.16
C ILE B 17 10.55 14.35 6.42
N GLY B 18 9.88 15.35 6.96
CA GLY B 18 9.84 16.66 6.33
C GLY B 18 8.53 17.35 6.64
N ASN B 19 8.25 18.39 5.87
CA ASN B 19 7.03 19.16 6.02
C ASN B 19 5.94 18.59 5.13
N MSE B 20 4.72 18.62 5.65
CA MSE B 20 3.52 18.47 4.81
C MSE B 20 3.26 19.83 4.20
O MSE B 20 3.33 20.84 4.90
CB MSE B 20 2.34 17.99 5.65
CG MSE B 20 1.06 17.77 4.84
SE MSE B 20 1.24 16.18 3.71
CE MSE B 20 0.81 14.82 5.06
N ARG B 21 2.97 19.89 2.91
CA ARG B 21 2.83 21.16 2.21
C ARG B 21 1.36 21.46 1.96
N GLN B 22 0.96 22.70 2.23
CA GLN B 22 -0.46 23.05 2.20
C GLN B 22 -0.85 23.41 0.78
N LEU B 23 -1.29 22.42 0.01
CA LEU B 23 -1.65 22.62 -1.37
C LEU B 23 -3.16 22.58 -1.61
N HIS B 24 -3.99 22.64 -0.56
CA HIS B 24 -5.43 22.46 -0.70
C HIS B 24 -6.10 23.79 -1.01
N GLY B 25 -5.83 24.29 -2.21
CA GLY B 25 -6.54 25.43 -2.74
C GLY B 25 -7.64 24.99 -3.66
N THR B 26 -8.57 25.91 -3.94
CA THR B 26 -9.69 25.61 -4.82
C THR B 26 -10.24 26.92 -5.37
N SER B 27 -11.19 26.79 -6.28
CA SER B 27 -11.91 27.92 -6.84
C SER B 27 -13.40 27.61 -6.80
N GLY B 28 -14.21 28.63 -7.06
CA GLY B 28 -15.65 28.49 -7.03
C GLY B 28 -16.29 29.52 -6.14
N ILE B 29 -17.63 29.48 -6.12
CA ILE B 29 -18.44 30.40 -5.33
C ILE B 29 -18.95 29.63 -4.10
N PRO B 30 -18.52 29.97 -2.89
CA PRO B 30 -18.90 29.15 -1.73
C PRO B 30 -20.27 29.48 -1.15
N ALA B 31 -20.84 30.64 -1.47
CA ALA B 31 -22.07 31.11 -0.83
C ALA B 31 -22.57 32.34 -1.57
N PRO B 32 -23.81 32.77 -1.33
CA PRO B 32 -24.31 33.96 -2.04
C PRO B 32 -23.56 35.23 -1.67
N ALA B 33 -23.59 36.16 -2.60
CA ALA B 33 -23.12 37.53 -2.42
C ALA B 33 -24.13 38.44 -3.10
N PRO B 34 -24.15 39.73 -2.74
CA PRO B 34 -25.10 40.64 -3.39
C PRO B 34 -25.01 40.55 -4.89
N GLY B 35 -26.14 40.29 -5.54
CA GLY B 35 -26.19 40.13 -6.97
C GLY B 35 -25.99 38.72 -7.46
N THR B 36 -25.57 37.81 -6.60
CA THR B 36 -25.39 36.39 -6.96
C THR B 36 -26.00 35.57 -5.82
N ASP B 37 -27.32 35.54 -5.77
CA ASP B 37 -28.04 34.87 -4.68
C ASP B 37 -28.60 33.47 -4.94
N SER B 38 -28.36 32.91 -6.13
CA SER B 38 -28.90 31.59 -6.44
C SER B 38 -27.82 30.52 -6.37
N VAL B 39 -26.93 30.59 -5.38
CA VAL B 39 -26.00 29.49 -5.14
C VAL B 39 -26.25 28.97 -3.74
N PRO B 40 -26.02 27.68 -3.47
CA PRO B 40 -26.12 27.20 -2.09
C PRO B 40 -24.92 27.68 -1.30
N ASP B 41 -25.10 27.66 0.03
CA ASP B 41 -24.05 28.06 0.97
C ASP B 41 -23.32 26.79 1.38
N ILE B 42 -22.13 26.61 0.82
CA ILE B 42 -21.29 25.44 1.13
C ILE B 42 -20.00 25.86 1.83
N LEU B 43 -19.98 27.08 2.37
CA LEU B 43 -18.76 27.60 2.98
C LEU B 43 -18.29 26.72 4.14
N ASP B 44 -19.21 26.17 4.93
N ASP B 44 -19.23 26.16 4.91
CA ASP B 44 -18.74 25.33 6.03
CA ASP B 44 -18.87 25.30 6.04
C ASP B 44 -18.07 24.06 5.53
C ASP B 44 -18.15 24.03 5.56
N VAL B 45 -18.43 23.58 4.33
CA VAL B 45 -17.71 22.43 3.80
C VAL B 45 -16.27 22.82 3.45
N TRP B 46 -16.08 24.03 2.91
CA TRP B 46 -14.71 24.50 2.71
C TRP B 46 -13.96 24.60 4.03
N ARG B 47 -14.64 25.08 5.08
CA ARG B 47 -14.02 25.16 6.40
C ARG B 47 -13.61 23.78 6.89
N ASN B 48 -14.53 22.81 6.81
CA ASN B 48 -14.20 21.47 7.26
C ASN B 48 -13.09 20.82 6.44
N ALA B 49 -13.03 21.17 5.16
CA ALA B 49 -11.99 20.66 4.27
C ALA B 49 -10.65 21.34 4.47
N GLN B 50 -10.57 22.37 5.32
CA GLN B 50 -9.33 23.11 5.57
C GLN B 50 -8.77 23.73 4.29
N VAL B 51 -9.65 24.31 3.48
CA VAL B 51 -9.19 25.07 2.31
C VAL B 51 -8.28 26.18 2.76
N THR B 52 -7.12 26.32 2.10
CA THR B 52 -6.11 27.29 2.49
C THR B 52 -5.90 28.39 1.46
N LEU B 53 -6.49 28.26 0.27
CA LEU B 53 -6.24 29.21 -0.80
C LEU B 53 -7.41 29.13 -1.76
N VAL B 54 -7.97 30.28 -2.15
CA VAL B 54 -9.12 30.33 -3.03
C VAL B 54 -8.78 31.24 -4.19
N ARG B 55 -8.86 30.72 -5.42
CA ARG B 55 -8.72 31.53 -6.63
C ARG B 55 -10.05 32.20 -6.95
N SER B 56 -10.01 33.52 -7.24
CA SER B 56 -11.21 34.34 -7.28
C SER B 56 -11.93 34.31 -8.64
N TYR B 57 -11.33 33.64 -9.62
CA TYR B 57 -11.73 33.83 -11.01
C TYR B 57 -13.18 33.46 -11.27
N ASP B 58 -13.72 32.46 -10.56
CA ASP B 58 -15.10 32.09 -10.80
C ASP B 58 -16.09 33.00 -10.10
N TRP B 59 -15.63 33.87 -9.20
CA TRP B 59 -16.52 34.86 -8.62
C TRP B 59 -16.95 35.87 -9.68
N VAL B 60 -17.93 36.69 -9.32
CA VAL B 60 -18.28 37.84 -10.14
C VAL B 60 -17.37 38.98 -9.69
N SER B 61 -16.09 38.89 -10.05
CA SER B 61 -15.05 39.78 -9.54
C SER B 61 -14.04 40.10 -10.65
N ARG B 62 -14.54 40.45 -11.83
CA ARG B 62 -13.70 40.68 -12.99
C ARG B 62 -13.39 42.16 -13.16
N LEU B 63 -12.18 42.45 -13.63
CA LEU B 63 -11.81 43.80 -14.06
C LEU B 63 -12.02 43.81 -15.57
N ASP B 64 -13.24 44.11 -15.98
CA ASP B 64 -13.54 44.10 -17.40
C ASP B 64 -12.88 45.29 -18.07
N THR B 65 -12.51 45.10 -19.33
CA THR B 65 -11.78 46.10 -20.10
C THR B 65 -12.69 46.97 -20.96
N ILE B 66 -14.00 46.76 -20.91
CA ILE B 66 -14.98 47.67 -21.46
C ILE B 66 -15.96 47.95 -20.34
N ASP B 67 -16.84 48.94 -20.56
CA ASP B 67 -17.83 49.28 -19.56
C ASP B 67 -18.75 48.10 -19.31
N ASN B 68 -19.09 47.87 -18.03
CA ASN B 68 -19.85 46.69 -17.63
C ASN B 68 -20.30 46.87 -16.19
N PRO B 69 -21.59 46.79 -15.89
CA PRO B 69 -22.05 47.08 -14.52
C PRO B 69 -21.47 46.12 -13.47
N THR B 70 -21.21 44.86 -13.81
CA THR B 70 -20.72 43.90 -12.81
C THR B 70 -19.20 43.96 -12.63
N SER B 71 -18.50 44.76 -13.43
CA SER B 71 -17.06 44.87 -13.34
C SER B 71 -16.66 45.62 -12.07
N LEU B 72 -15.42 45.36 -11.63
CA LEU B 72 -14.87 46.08 -10.49
C LEU B 72 -14.74 47.57 -10.76
N PHE B 73 -14.60 47.97 -12.02
CA PHE B 73 -14.49 49.38 -12.41
C PHE B 73 -15.46 49.57 -13.57
N PRO B 74 -16.75 49.72 -13.27
CA PRO B 74 -17.78 49.53 -14.32
C PRO B 74 -17.83 50.63 -15.37
N ASP B 75 -17.34 51.83 -15.06
CA ASP B 75 -17.40 52.98 -15.97
C ASP B 75 -15.98 53.50 -16.15
N TRP B 76 -15.38 53.24 -17.31
CA TRP B 76 -13.97 53.58 -17.48
C TRP B 76 -13.75 55.07 -17.68
N SER B 77 -14.82 55.86 -17.78
CA SER B 77 -14.68 57.32 -17.78
C SER B 77 -14.59 57.89 -16.38
N ALA B 78 -14.81 57.08 -15.34
CA ALA B 78 -14.82 57.56 -13.96
C ALA B 78 -13.41 57.82 -13.45
N ASP B 79 -13.35 58.55 -12.34
CA ASP B 79 -12.12 58.96 -11.66
C ASP B 79 -11.54 57.78 -10.90
N PRO B 80 -10.39 57.23 -11.33
CA PRO B 80 -9.83 56.05 -10.63
C PRO B 80 -9.32 56.32 -9.23
N SER B 81 -9.23 57.57 -8.80
CA SER B 81 -8.82 57.85 -7.44
C SER B 81 -9.98 57.95 -6.48
N ASP B 82 -11.21 57.72 -6.96
CA ASP B 82 -12.41 57.87 -6.14
C ASP B 82 -12.97 56.49 -5.84
N PRO B 83 -13.01 56.07 -4.57
CA PRO B 83 -13.59 54.75 -4.24
C PRO B 83 -14.97 54.55 -4.80
N ALA B 84 -15.76 55.62 -4.92
CA ALA B 84 -17.10 55.50 -5.49
C ALA B 84 -17.09 55.00 -6.92
N SER B 85 -15.95 55.10 -7.61
CA SER B 85 -15.85 54.61 -8.99
C SER B 85 -15.68 53.11 -9.06
N TYR B 86 -15.62 52.42 -7.94
CA TYR B 86 -15.35 50.98 -7.91
C TYR B 86 -16.57 50.23 -7.40
N ASN B 87 -16.71 48.99 -7.85
CA ASN B 87 -17.86 48.14 -7.53
C ASN B 87 -17.32 46.95 -6.74
N PHE B 88 -17.22 47.11 -5.42
CA PHE B 88 -16.59 46.12 -4.56
C PHE B 88 -17.57 45.21 -3.80
N ALA B 89 -18.90 45.48 -3.85
CA ALA B 89 -19.80 44.86 -2.88
C ALA B 89 -19.77 43.33 -2.95
N ALA B 90 -19.97 42.76 -4.13
CA ALA B 90 -19.95 41.30 -4.26
C ALA B 90 -18.58 40.72 -3.90
N THR B 91 -17.51 41.30 -4.45
CA THR B 91 -16.17 40.76 -4.19
C THR B 91 -15.81 40.89 -2.72
N ASP B 92 -16.15 42.02 -2.08
CA ASP B 92 -15.95 42.17 -0.64
C ASP B 92 -16.62 41.04 0.12
N THR B 93 -17.84 40.65 -0.29
CA THR B 93 -18.56 39.62 0.44
C THR B 93 -17.83 38.29 0.35
N TRP B 94 -17.40 37.92 -0.85
CA TRP B 94 -16.69 36.65 -1.03
C TRP B 94 -15.30 36.70 -0.39
N VAL B 95 -14.61 37.84 -0.46
CA VAL B 95 -13.34 37.96 0.25
C VAL B 95 -13.55 37.72 1.75
N GLY B 96 -14.58 38.34 2.31
CA GLY B 96 -14.83 38.17 3.74
C GLY B 96 -15.13 36.73 4.11
N GLN B 97 -15.95 36.05 3.31
CA GLN B 97 -16.22 34.63 3.53
C GLN B 97 -14.93 33.82 3.52
N THR B 98 -14.07 34.05 2.52
CA THR B 98 -12.84 33.29 2.40
C THR B 98 -11.92 33.54 3.60
N ARG B 99 -11.82 34.80 4.02
CA ARG B 99 -10.96 35.08 5.17
C ARG B 99 -11.55 34.50 6.45
N SER B 100 -12.89 34.40 6.54
CA SER B 100 -13.54 33.89 7.73
C SER B 100 -13.25 32.42 7.99
N ILE B 101 -12.79 31.66 6.99
CA ILE B 101 -12.34 30.29 7.23
C ILE B 101 -10.83 30.20 7.26
N GLY B 102 -10.13 31.34 7.30
CA GLY B 102 -8.69 31.33 7.39
C GLY B 102 -7.95 31.06 6.10
N ALA B 103 -8.61 31.13 4.95
CA ALA B 103 -7.95 30.85 3.67
C ALA B 103 -7.34 32.11 3.07
N ASN B 104 -6.24 31.92 2.32
CA ASN B 104 -5.70 33.01 1.54
C ASN B 104 -6.44 33.13 0.21
N ILE B 105 -6.13 34.18 -0.54
CA ILE B 105 -6.82 34.44 -1.80
C ILE B 105 -5.80 34.62 -2.90
N LEU B 106 -6.02 33.92 -4.00
CA LEU B 106 -5.35 34.18 -5.27
C LEU B 106 -6.32 34.98 -6.14
N PHE B 107 -6.07 36.26 -6.33
CA PHE B 107 -7.03 37.12 -7.02
C PHE B 107 -6.65 37.21 -8.49
N THR B 108 -7.50 36.69 -9.38
CA THR B 108 -7.21 36.68 -10.80
C THR B 108 -7.74 37.96 -11.44
N ILE B 109 -6.83 38.73 -12.03
CA ILE B 109 -7.16 39.95 -12.77
C ILE B 109 -7.47 39.53 -14.20
N ALA B 110 -8.73 39.68 -14.62
CA ALA B 110 -9.16 39.21 -15.94
C ALA B 110 -10.44 39.92 -16.32
N SER B 111 -10.63 40.08 -17.63
CA SER B 111 -11.86 40.68 -18.17
C SER B 111 -13.01 39.70 -18.00
N GLU B 112 -14.19 40.11 -18.49
CA GLU B 112 -15.41 39.33 -18.36
C GLU B 112 -15.49 38.26 -19.45
N ILE B 113 -14.54 37.34 -19.39
CA ILE B 113 -14.50 36.18 -20.29
C ILE B 113 -15.73 35.32 -20.02
N PRO B 114 -16.47 34.85 -21.04
CA PRO B 114 -16.24 35.01 -22.49
C PRO B 114 -16.90 36.23 -23.13
N ALA B 115 -17.73 36.97 -22.39
CA ALA B 115 -18.49 38.08 -22.97
C ALA B 115 -17.56 39.11 -23.59
N ASN B 116 -16.49 39.46 -22.90
CA ASN B 116 -15.50 40.38 -23.43
C ASN B 116 -14.11 39.87 -23.16
N LYS B 117 -13.32 39.74 -24.23
CA LYS B 117 -11.95 39.25 -24.18
C LYS B 117 -10.92 40.32 -24.53
N GLN B 118 -11.34 41.58 -24.70
CA GLN B 118 -10.48 42.59 -25.32
C GLN B 118 -9.37 43.06 -24.36
N PRO B 119 -8.21 43.43 -24.91
CA PRO B 119 -7.16 44.03 -24.07
C PRO B 119 -7.56 45.43 -23.61
N ALA B 120 -6.77 45.93 -22.68
CA ALA B 120 -6.96 47.28 -22.17
C ALA B 120 -6.72 48.31 -23.28
N ARG B 121 -7.54 49.36 -23.29
CA ARG B 121 -7.39 50.42 -24.28
C ARG B 121 -6.46 51.53 -23.81
N ASP B 122 -6.40 51.76 -22.50
CA ASP B 122 -5.61 52.85 -21.91
C ASP B 122 -4.80 52.22 -20.79
N LEU B 123 -3.55 51.86 -21.09
CA LEU B 123 -2.75 51.09 -20.13
C LEU B 123 -2.47 51.88 -18.85
N ALA B 124 -2.30 53.21 -18.97
CA ALA B 124 -2.03 54.00 -17.79
C ALA B 124 -3.22 54.01 -16.85
N LYS B 125 -4.42 54.18 -17.38
CA LYS B 125 -5.61 54.16 -16.51
C LYS B 125 -5.87 52.76 -15.98
N TYR B 126 -5.65 51.75 -16.82
CA TYR B 126 -5.82 50.38 -16.35
C TYR B 126 -4.90 50.10 -15.16
N GLU B 127 -3.65 50.56 -15.22
CA GLU B 127 -2.72 50.31 -14.12
C GLU B 127 -3.14 51.05 -12.86
N GLN B 128 -3.67 52.27 -13.00
CA GLN B 128 -4.12 52.99 -11.81
C GLN B 128 -5.29 52.27 -11.14
N VAL B 129 -6.18 51.68 -11.93
CA VAL B 129 -7.34 50.99 -11.36
C VAL B 129 -6.92 49.66 -10.72
N VAL B 130 -5.99 48.93 -11.35
CA VAL B 130 -5.43 47.74 -10.70
C VAL B 130 -4.81 48.11 -9.36
N GLU B 131 -4.04 49.19 -9.31
CA GLU B 131 -3.35 49.56 -8.08
C GLU B 131 -4.34 49.79 -6.94
N ASN B 132 -5.46 50.47 -7.20
CA ASN B 132 -6.39 50.78 -6.12
C ASN B 132 -7.27 49.58 -5.77
N ILE B 133 -7.51 48.68 -6.72
CA ILE B 133 -8.09 47.38 -6.36
C ILE B 133 -7.19 46.67 -5.36
N VAL B 134 -5.88 46.59 -5.67
CA VAL B 134 -4.94 45.99 -4.72
C VAL B 134 -4.96 46.74 -3.39
N ARG B 135 -4.96 48.08 -3.44
CA ARG B 135 -4.99 48.83 -2.18
C ARG B 135 -6.27 48.57 -1.41
N HIS B 136 -7.40 48.40 -2.10
CA HIS B 136 -8.63 48.12 -1.39
C HIS B 136 -8.54 46.83 -0.58
N TYR B 137 -7.86 45.81 -1.12
CA TYR B 137 -7.87 44.50 -0.45
C TYR B 137 -6.64 44.24 0.38
N VAL B 138 -5.65 45.13 0.37
CA VAL B 138 -4.41 44.96 1.11
C VAL B 138 -4.19 46.06 2.14
N CYS B 139 -4.58 47.29 1.80
CA CYS B 139 -4.29 48.47 2.61
C CYS B 139 -5.53 49.19 3.12
N GLY B 140 -6.72 48.57 3.00
CA GLY B 140 -7.92 49.19 3.55
C GLY B 140 -8.50 50.33 2.74
N TRP B 141 -7.93 50.64 1.57
CA TRP B 141 -8.36 51.79 0.77
C TRP B 141 -9.83 51.67 0.38
N GLY B 142 -10.56 52.78 0.48
CA GLY B 142 -11.96 52.74 0.16
C GLY B 142 -12.77 51.74 0.97
N ASP B 143 -12.64 51.78 2.29
CA ASP B 143 -13.40 50.92 3.19
C ASP B 143 -13.14 49.44 2.90
N GLY B 144 -11.86 49.10 2.77
CA GLY B 144 -11.43 47.76 2.36
C GLY B 144 -10.86 46.92 3.48
N PHE B 145 -9.90 46.05 3.12
CA PHE B 145 -9.36 45.03 4.01
C PHE B 145 -7.87 45.24 4.22
N GLU B 146 -7.36 44.70 5.33
CA GLU B 146 -5.93 44.72 5.63
C GLU B 146 -5.34 43.35 5.33
N ASN B 147 -4.46 43.28 4.33
CA ASN B 147 -3.74 42.04 3.99
C ASN B 147 -4.68 40.87 3.72
N ALA B 148 -5.75 41.11 2.96
CA ALA B 148 -6.68 40.03 2.65
C ALA B 148 -6.27 39.18 1.45
N VAL B 149 -5.47 39.71 0.53
CA VAL B 149 -5.10 39.00 -0.69
C VAL B 149 -3.58 38.96 -0.79
N SER B 150 -2.99 37.78 -0.66
CA SER B 150 -1.54 37.61 -0.73
C SER B 150 -1.03 37.41 -2.14
N HIS B 151 -1.86 36.91 -3.05
CA HIS B 151 -1.45 36.46 -4.37
C HIS B 151 -2.31 37.10 -5.45
N TRP B 152 -1.66 37.68 -6.46
CA TRP B 152 -2.35 38.36 -7.55
C TRP B 152 -1.90 37.73 -8.86
N GLU B 153 -2.86 37.18 -9.61
CA GLU B 153 -2.59 36.49 -10.87
C GLU B 153 -3.12 37.32 -12.02
N PHE B 154 -2.30 37.54 -13.05
CA PHE B 154 -2.76 38.20 -14.26
C PHE B 154 -2.91 37.16 -15.36
N GLY B 155 -4.13 36.98 -15.85
CA GLY B 155 -4.37 36.14 -17.00
C GLY B 155 -5.21 34.93 -16.74
N ASP B 156 -5.84 34.41 -17.79
CA ASP B 156 -6.56 33.14 -17.72
C ASP B 156 -6.59 32.55 -19.12
N GLN B 157 -5.76 31.53 -19.34
CA GLN B 157 -5.70 30.79 -20.60
C GLN B 157 -5.57 31.68 -21.83
N PRO B 158 -4.58 32.57 -21.88
CA PRO B 158 -4.36 33.33 -23.12
C PRO B 158 -4.02 32.44 -24.31
N ASP B 159 -3.57 31.21 -24.08
CA ASP B 159 -3.23 30.31 -25.17
C ASP B 159 -4.39 29.40 -25.57
N PHE B 160 -5.56 29.55 -24.95
CA PHE B 160 -6.75 28.77 -25.31
C PHE B 160 -7.40 29.42 -26.54
N GLY B 161 -6.73 29.26 -27.68
CA GLY B 161 -7.12 30.05 -28.82
C GLY B 161 -7.10 31.52 -28.46
N LYS B 162 -7.98 32.29 -29.09
CA LYS B 162 -8.29 33.65 -28.66
C LYS B 162 -9.60 33.72 -27.89
N LEU B 163 -9.97 32.64 -27.23
CA LEU B 163 -11.28 32.56 -26.59
C LEU B 163 -11.29 33.19 -25.20
N HIS B 164 -10.13 33.43 -24.61
CA HIS B 164 -10.06 34.14 -23.34
C HIS B 164 -9.39 35.50 -23.45
N PHE B 165 -8.47 35.66 -24.39
CA PHE B 165 -7.78 36.93 -24.61
C PHE B 165 -7.72 37.13 -26.11
N SER B 166 -8.32 38.20 -26.61
CA SER B 166 -8.40 38.41 -28.04
C SER B 166 -7.36 39.40 -28.56
N GLY B 167 -6.52 39.96 -27.69
CA GLY B 167 -5.44 40.81 -28.13
C GLY B 167 -4.25 40.01 -28.63
N THR B 168 -3.18 40.73 -28.93
CA THR B 168 -1.91 40.13 -29.31
C THR B 168 -1.14 39.73 -28.06
N PRO B 169 -0.18 38.82 -28.20
CA PRO B 169 0.75 38.54 -27.08
C PRO B 169 1.45 39.78 -26.55
N ASP B 170 1.90 40.68 -27.42
CA ASP B 170 2.50 41.93 -26.94
C ASP B 170 1.53 42.72 -26.07
N GLN B 171 0.24 42.74 -26.41
CA GLN B 171 -0.72 43.48 -25.59
C GLN B 171 -0.92 42.81 -24.23
N PHE B 172 -0.94 41.48 -24.21
CA PHE B 172 -0.99 40.75 -22.95
C PHE B 172 0.23 41.03 -22.09
N TYR B 173 1.42 40.98 -22.71
CA TYR B 173 2.67 41.23 -21.99
C TYR B 173 2.67 42.59 -21.31
N GLU B 174 2.31 43.65 -22.05
CA GLU B 174 2.34 44.98 -21.48
C GLU B 174 1.35 45.11 -20.33
N MSE B 175 0.19 44.46 -20.44
CA MSE B 175 -0.76 44.49 -19.35
C MSE B 175 -0.20 43.74 -18.14
O MSE B 175 -0.38 44.18 -17.01
CB MSE B 175 -2.10 43.88 -19.78
CG MSE B 175 -2.90 44.77 -20.73
SE MSE B 175 -4.41 43.77 -21.46
CE MSE B 175 -5.61 43.76 -19.91
N TYR B 176 0.48 42.61 -18.37
CA TYR B 176 1.10 41.91 -17.26
C TYR B 176 2.11 42.80 -16.54
N ALA B 177 2.99 43.46 -17.30
CA ALA B 177 3.99 44.34 -16.71
C ALA B 177 3.32 45.43 -15.88
N ALA B 178 2.26 46.04 -16.41
CA ALA B 178 1.54 47.09 -15.68
C ALA B 178 0.97 46.55 -14.37
N ALA B 179 0.33 45.38 -14.44
CA ALA B 179 -0.28 44.80 -13.24
C ALA B 179 0.79 44.44 -12.20
N ALA B 180 1.92 43.88 -12.65
CA ALA B 180 2.97 43.45 -11.72
C ALA B 180 3.59 44.63 -10.98
N ARG B 181 3.88 45.71 -11.71
CA ARG B 181 4.42 46.91 -11.07
C ARG B 181 3.42 47.50 -10.09
N ALA B 182 2.14 47.55 -10.48
CA ALA B 182 1.10 48.06 -9.58
C ALA B 182 1.06 47.27 -8.28
N VAL B 183 1.06 45.93 -8.38
CA VAL B 183 0.98 45.09 -7.18
C VAL B 183 2.16 45.35 -6.26
N LYS B 184 3.37 45.37 -6.83
CA LYS B 184 4.57 45.52 -6.00
C LYS B 184 4.67 46.92 -5.42
N ARG B 185 4.12 47.91 -6.13
CA ARG B 185 4.10 49.28 -5.64
C ARG B 185 3.28 49.38 -4.37
N VAL B 186 2.21 48.59 -4.25
CA VAL B 186 1.39 48.63 -3.03
C VAL B 186 2.15 48.00 -1.87
N ASP B 187 2.73 46.82 -2.11
CA ASP B 187 3.46 46.11 -1.06
C ASP B 187 4.33 45.04 -1.72
N PRO B 188 5.65 45.16 -1.62
CA PRO B 188 6.53 44.19 -2.29
C PRO B 188 6.42 42.78 -1.74
N ALA B 189 5.85 42.61 -0.55
CA ALA B 189 5.62 41.28 0.01
C ALA B 189 4.52 40.53 -0.73
N LEU B 190 3.66 41.24 -1.46
CA LEU B 190 2.65 40.60 -2.29
C LEU B 190 3.31 39.80 -3.41
N LYS B 191 2.68 38.68 -3.76
CA LYS B 191 3.13 37.81 -4.83
C LYS B 191 2.32 38.09 -6.08
N VAL B 192 2.98 38.27 -7.21
CA VAL B 192 2.30 38.50 -8.47
C VAL B 192 2.83 37.51 -9.51
N GLY B 193 1.95 37.05 -10.39
CA GLY B 193 2.36 36.09 -11.39
C GLY B 193 1.29 35.90 -12.44
N GLY B 194 1.51 34.88 -13.26
CA GLY B 194 0.68 34.57 -14.41
C GLY B 194 1.43 33.56 -15.25
N PRO B 195 0.98 33.31 -16.49
CA PRO B 195 -0.17 33.90 -17.16
C PRO B 195 -1.37 32.97 -17.21
N CYS B 196 -1.32 31.89 -16.43
CA CYS B 196 -2.33 30.82 -16.46
C CYS B 196 -2.32 30.08 -17.79
N VAL B 197 -1.21 29.40 -18.06
CA VAL B 197 -0.99 28.66 -19.31
C VAL B 197 -1.96 27.49 -19.38
N ALA B 198 -2.78 27.45 -20.45
CA ALA B 198 -3.72 26.34 -20.62
C ALA B 198 -3.04 25.07 -21.11
N PHE B 199 -1.99 25.18 -21.91
CA PHE B 199 -1.35 24.05 -22.59
C PHE B 199 0.13 24.06 -22.19
N PRO B 200 0.45 23.62 -20.97
CA PRO B 200 1.81 23.88 -20.44
C PRO B 200 2.91 23.09 -21.13
N LEU B 201 2.62 22.03 -21.88
CA LEU B 201 3.64 21.32 -22.65
C LEU B 201 3.75 21.82 -24.08
N ASN B 202 3.12 22.94 -24.42
CA ASN B 202 3.18 23.51 -25.75
C ASN B 202 4.21 24.65 -25.78
N GLU B 203 5.09 24.64 -26.78
CA GLU B 203 5.86 25.84 -27.07
C GLU B 203 4.93 26.92 -27.58
N GLY B 204 5.16 28.17 -27.16
CA GLY B 204 4.34 29.24 -27.67
C GLY B 204 4.51 30.57 -26.97
N PRO B 205 3.77 31.59 -27.44
CA PRO B 205 3.99 32.95 -26.93
C PRO B 205 3.56 33.15 -25.48
N PHE B 206 2.77 32.25 -24.90
CA PHE B 206 2.41 32.42 -23.49
C PHE B 206 3.16 31.45 -22.58
N ARG B 207 4.13 30.72 -23.12
CA ARG B 207 5.09 30.01 -22.30
C ARG B 207 6.43 30.66 -22.58
N GLU B 208 7.21 30.16 -23.54
CA GLU B 208 8.48 30.76 -23.91
C GLU B 208 8.38 32.28 -24.09
N GLY B 209 7.36 32.72 -24.84
CA GLY B 209 7.28 34.14 -25.16
C GLY B 209 7.03 34.99 -23.93
N PHE B 210 6.20 34.49 -23.02
CA PHE B 210 5.90 35.21 -21.78
C PHE B 210 7.11 35.25 -20.87
N LEU B 211 7.76 34.11 -20.68
CA LEU B 211 8.98 34.05 -19.86
C LEU B 211 10.06 34.95 -20.47
N ASP B 212 10.15 34.95 -21.80
CA ASP B 212 11.15 35.78 -22.48
C ASP B 212 10.87 37.26 -22.25
N TYR B 213 9.61 37.67 -22.41
CA TYR B 213 9.26 39.07 -22.16
C TYR B 213 9.54 39.45 -20.71
N VAL B 214 9.09 38.61 -19.76
CA VAL B 214 9.26 38.97 -18.36
C VAL B 214 10.75 39.06 -18.01
N LYS B 215 11.58 38.20 -18.62
CA LYS B 215 13.02 38.26 -18.38
C LYS B 215 13.64 39.50 -19.00
N GLN B 216 13.34 39.77 -20.27
CA GLN B 216 13.96 40.89 -20.96
C GLN B 216 13.44 42.24 -20.46
N GLN B 217 12.31 42.25 -19.77
CA GLN B 217 11.77 43.47 -19.18
C GLN B 217 12.10 43.62 -17.69
N SER B 218 12.67 42.58 -17.07
CA SER B 218 13.06 42.60 -15.66
C SER B 218 11.90 42.99 -14.74
N VAL B 219 10.72 42.44 -14.99
CA VAL B 219 9.55 42.73 -14.17
C VAL B 219 9.28 41.57 -13.21
N PRO B 220 8.55 41.81 -12.13
CA PRO B 220 8.35 40.75 -11.13
C PRO B 220 7.64 39.54 -11.70
N LEU B 221 8.06 38.36 -11.25
CA LEU B 221 7.34 37.13 -11.55
C LEU B 221 7.55 36.21 -10.35
N ASP B 222 6.62 36.30 -9.39
CA ASP B 222 6.75 35.47 -8.19
C ASP B 222 6.27 34.05 -8.41
N PHE B 223 5.35 33.85 -9.34
CA PHE B 223 4.90 32.51 -9.67
C PHE B 223 4.55 32.45 -11.14
N LEU B 224 4.79 31.28 -11.74
CA LEU B 224 4.31 30.97 -13.08
C LEU B 224 3.10 30.06 -12.89
N SER B 225 1.94 30.49 -13.39
CA SER B 225 0.71 29.74 -13.17
C SER B 225 0.32 29.01 -14.45
N TRP B 226 -0.26 27.82 -14.27
CA TRP B 226 -0.55 26.93 -15.39
C TRP B 226 -1.67 25.99 -14.97
N MSE B 227 -2.18 25.23 -15.95
CA MSE B 227 -3.33 24.33 -15.74
C MSE B 227 -3.08 22.93 -16.24
O MSE B 227 -2.28 22.75 -17.15
CB MSE B 227 -4.56 24.82 -16.47
CG MSE B 227 -4.81 26.26 -16.34
SE MSE B 227 -6.11 26.81 -17.66
CE MSE B 227 -6.87 25.23 -18.24
N TRP B 228 -3.83 21.99 -15.70
CA TRP B 228 -3.84 20.64 -16.27
C TRP B 228 -5.13 19.94 -15.90
N TYR B 229 -5.71 19.25 -16.88
CA TYR B 229 -6.88 18.40 -16.71
C TYR B 229 -6.51 16.98 -17.12
N GLY B 230 -7.15 15.99 -16.49
CA GLY B 230 -6.85 14.61 -16.81
C GLY B 230 -7.77 13.96 -17.84
N ASP B 231 -8.46 14.76 -18.67
CA ASP B 231 -9.45 14.20 -19.58
C ASP B 231 -8.91 13.07 -20.45
N ASN B 232 -7.71 13.25 -20.99
CA ASN B 232 -7.17 12.33 -21.99
C ASN B 232 -6.25 11.28 -21.37
N SER B 233 -6.17 11.25 -20.04
CA SER B 233 -5.33 10.24 -19.39
C SER B 233 -5.98 9.60 -18.18
N ARG B 234 -6.83 10.32 -17.44
N ARG B 234 -6.84 10.30 -17.44
CA ARG B 234 -7.37 9.86 -16.16
CA ARG B 234 -7.38 9.78 -16.18
C ARG B 234 -6.27 9.31 -15.26
C ARG B 234 -6.27 9.32 -15.23
N ASP B 235 -5.07 9.87 -15.40
CA ASP B 235 -3.91 9.46 -14.62
C ASP B 235 -3.61 10.52 -13.56
N PRO B 236 -3.79 10.22 -12.27
CA PRO B 236 -3.51 11.22 -11.23
C PRO B 236 -2.04 11.61 -11.11
N MSE B 237 -1.12 10.87 -11.73
CA MSE B 237 0.30 11.20 -11.71
C MSE B 237 0.60 12.41 -12.63
O MSE B 237 1.67 13.02 -12.50
CB MSE B 237 1.13 9.98 -12.14
CG MSE B 237 2.65 10.12 -11.97
SE MSE B 237 3.17 10.40 -10.12
CE MSE B 237 2.97 8.56 -9.47
N ASP B 238 -0.33 12.77 -13.53
CA ASP B 238 -0.01 13.78 -14.55
C ASP B 238 0.53 15.06 -13.93
N PHE B 239 -0.03 15.46 -12.80
CA PHE B 239 0.29 16.77 -12.25
C PHE B 239 1.75 16.83 -11.81
N ARG B 240 2.24 15.76 -11.19
CA ARG B 240 3.67 15.69 -10.86
C ARG B 240 4.51 15.74 -12.13
N THR B 241 4.16 14.92 -13.13
CA THR B 241 4.94 14.85 -14.36
C THR B 241 5.01 16.19 -15.07
N ILE B 242 3.87 16.86 -15.22
CA ILE B 242 3.86 18.14 -15.93
C ILE B 242 4.63 19.20 -15.15
N ALA B 243 4.47 19.21 -13.82
CA ALA B 243 5.15 20.22 -13.01
C ALA B 243 6.67 20.13 -13.19
N ALA B 244 7.20 18.91 -13.29
CA ALA B 244 8.64 18.75 -13.51
C ALA B 244 9.07 19.40 -14.82
N GLU B 245 8.26 19.25 -15.87
CA GLU B 245 8.57 19.86 -17.16
C GLU B 245 8.49 21.38 -17.07
N VAL B 246 7.43 21.91 -16.44
CA VAL B 246 7.30 23.36 -16.32
C VAL B 246 8.45 23.92 -15.50
N ARG B 247 8.82 23.23 -14.43
CA ARG B 247 9.97 23.66 -13.63
C ARG B 247 11.21 23.81 -14.49
N ALA B 248 11.44 22.87 -15.41
CA ALA B 248 12.65 22.95 -16.24
C ALA B 248 12.63 24.15 -17.19
N ILE B 249 11.45 24.47 -17.75
CA ILE B 249 11.36 25.59 -18.68
C ILE B 249 11.51 26.90 -17.94
N VAL B 250 10.85 27.03 -16.80
CA VAL B 250 10.95 28.25 -16.00
C VAL B 250 12.38 28.46 -15.54
N ASP B 251 13.05 27.38 -15.12
CA ASP B 251 14.45 27.48 -14.69
C ASP B 251 15.36 27.82 -15.86
N LYS B 252 15.07 27.30 -17.05
CA LYS B 252 15.88 27.63 -18.22
C LYS B 252 15.93 29.13 -18.47
N TYR B 253 14.85 29.85 -18.16
CA TYR B 253 14.82 31.29 -18.32
C TYR B 253 15.36 32.03 -17.11
N GLY B 254 15.95 31.32 -16.15
CA GLY B 254 16.59 31.95 -15.01
C GLY B 254 15.71 32.20 -13.82
N PHE B 255 14.41 31.88 -13.88
CA PHE B 255 13.49 32.17 -12.79
C PHE B 255 13.51 31.04 -11.75
N THR B 256 14.70 30.81 -11.19
CA THR B 256 14.86 29.67 -10.30
C THR B 256 14.19 29.86 -8.94
N ASP B 257 13.89 31.10 -8.55
CA ASP B 257 13.15 31.35 -7.31
C ASP B 257 11.66 31.52 -7.55
N THR B 258 11.21 31.41 -8.79
CA THR B 258 9.80 31.60 -9.11
C THR B 258 9.02 30.32 -8.79
N GLU B 259 7.92 30.47 -8.03
CA GLU B 259 7.10 29.33 -7.66
C GLU B 259 6.22 28.86 -8.83
N LEU B 260 5.82 27.61 -8.76
CA LEU B 260 4.92 27.02 -9.74
C LEU B 260 3.53 26.94 -9.13
N LEU B 261 2.57 27.60 -9.78
CA LEU B 261 1.20 27.65 -9.28
C LEU B 261 0.29 26.92 -10.26
N LEU B 262 -0.37 25.87 -9.79
CA LEU B 262 -1.31 25.09 -10.60
C LEU B 262 -2.70 25.72 -10.43
N SER B 263 -3.07 26.63 -11.34
CA SER B 263 -4.29 27.41 -11.19
C SER B 263 -5.57 26.64 -11.46
N TYR B 264 -5.50 25.54 -12.19
CA TYR B 264 -6.62 24.63 -12.35
C TYR B 264 -6.07 23.22 -12.32
N TRP B 265 -6.73 22.33 -11.60
CA TRP B 265 -6.47 20.91 -11.79
C TRP B 265 -7.72 20.12 -11.45
N SER B 266 -7.95 19.06 -12.21
CA SER B 266 -9.22 18.32 -12.14
C SER B 266 -9.06 17.06 -12.97
N MSE B 267 -9.87 16.04 -12.67
CA MSE B 267 -9.84 14.88 -13.54
C MSE B 267 -10.36 15.22 -14.93
O MSE B 267 -9.89 14.66 -15.92
CB MSE B 267 -10.64 13.69 -12.98
CG MSE B 267 -10.33 12.41 -13.78
SE MSE B 267 -11.19 10.80 -13.14
CE MSE B 267 -12.98 11.17 -13.76
N THR B 268 -11.34 16.13 -15.01
CA THR B 268 -11.90 16.51 -16.31
C THR B 268 -12.10 18.01 -16.38
N GLY B 269 -11.85 18.56 -17.56
CA GLY B 269 -12.10 19.97 -17.78
C GLY B 269 -12.88 20.22 -19.06
N ILE B 270 -13.20 19.16 -19.79
CA ILE B 270 -14.02 19.32 -20.99
C ILE B 270 -15.48 19.12 -20.60
N PRO B 271 -16.36 20.06 -20.96
CA PRO B 271 -17.73 20.04 -20.40
C PRO B 271 -18.59 18.85 -20.82
N THR B 272 -18.23 18.10 -21.86
CA THR B 272 -19.00 16.90 -22.20
C THR B 272 -18.54 15.67 -21.44
N ALA B 273 -17.64 15.83 -20.46
CA ALA B 273 -17.05 14.68 -19.81
C ALA B 273 -18.08 13.95 -18.96
N LYS B 274 -18.01 12.64 -18.98
CA LYS B 274 -18.82 11.77 -18.16
C LYS B 274 -17.90 10.90 -17.32
N PHE B 275 -18.34 10.62 -16.10
CA PHE B 275 -17.52 9.89 -15.16
C PHE B 275 -18.41 9.51 -13.99
N GLU B 276 -17.93 8.54 -13.23
CA GLU B 276 -18.60 8.18 -11.99
C GLU B 276 -18.09 9.07 -10.87
N ASP B 277 -19.02 9.48 -10.00
CA ASP B 277 -18.71 10.27 -8.81
C ASP B 277 -17.56 9.65 -8.03
N PHE B 278 -17.63 8.34 -7.75
CA PHE B 278 -16.63 7.70 -6.92
C PHE B 278 -15.29 7.52 -7.64
N ASP B 279 -15.30 7.34 -8.96
CA ASP B 279 -14.04 7.28 -9.69
C ASP B 279 -13.31 8.62 -9.62
N ASN B 280 -14.05 9.70 -9.87
CA ASN B 280 -13.48 11.03 -9.79
C ASN B 280 -12.94 11.33 -8.39
N ALA B 281 -13.70 10.96 -7.36
CA ALA B 281 -13.26 11.19 -5.99
C ALA B 281 -11.92 10.51 -5.71
N ALA B 282 -11.77 9.27 -6.17
CA ALA B 282 -10.52 8.56 -5.92
C ALA B 282 -9.39 9.16 -6.74
N PHE B 283 -9.70 9.61 -7.96
CA PHE B 283 -8.70 10.33 -8.76
C PHE B 283 -8.19 11.55 -8.03
N LEU B 284 -9.11 12.39 -7.54
CA LEU B 284 -8.64 13.66 -7.00
C LEU B 284 -7.85 13.42 -5.71
N ALA B 285 -8.21 12.41 -4.92
CA ALA B 285 -7.40 12.07 -3.75
C ALA B 285 -6.03 11.55 -4.14
N ALA B 286 -5.96 10.64 -5.14
CA ALA B 286 -4.67 10.13 -5.58
C ALA B 286 -3.80 11.24 -6.15
N ALA B 287 -4.41 12.17 -6.90
CA ALA B 287 -3.65 13.25 -7.51
C ALA B 287 -3.07 14.17 -6.45
N ALA B 288 -3.86 14.50 -5.43
CA ALA B 288 -3.37 15.27 -4.31
C ALA B 288 -2.20 14.57 -3.62
N ILE B 289 -2.31 13.26 -3.38
CA ILE B 289 -1.23 12.54 -2.73
C ILE B 289 0.03 12.58 -3.60
N TYR B 290 -0.11 12.33 -4.90
CA TYR B 290 1.08 12.28 -5.74
C TYR B 290 1.71 13.66 -5.95
N MSE B 291 0.93 14.74 -5.87
CA MSE B 291 1.56 16.04 -6.10
C MSE B 291 2.23 16.60 -4.84
O MSE B 291 2.94 17.61 -4.92
CB MSE B 291 0.57 17.05 -6.70
CG MSE B 291 -0.52 17.55 -5.77
SE MSE B 291 -1.55 19.03 -6.60
CE MSE B 291 -2.77 17.98 -7.73
N GLN B 292 2.04 15.96 -3.68
CA GLN B 292 2.81 16.33 -2.50
C GLN B 292 4.30 16.28 -2.80
N ASP B 293 4.73 15.26 -3.54
CA ASP B 293 6.13 15.13 -3.93
C ASP B 293 6.25 15.57 -5.39
N SER B 294 6.27 16.88 -5.59
CA SER B 294 6.29 17.43 -6.95
C SER B 294 6.79 18.87 -6.90
N GLU B 295 6.97 19.45 -8.09
CA GLU B 295 7.37 20.86 -8.18
C GLU B 295 6.19 21.82 -8.03
N VAL B 296 4.97 21.32 -7.81
CA VAL B 296 3.84 22.21 -7.56
C VAL B 296 4.03 22.90 -6.22
N ASP B 297 4.01 24.25 -6.22
CA ASP B 297 4.15 24.98 -4.96
C ASP B 297 2.82 25.39 -4.36
N LYS B 298 1.83 25.69 -5.19
CA LYS B 298 0.46 25.96 -4.79
C LYS B 298 -0.47 25.34 -5.81
N ALA B 299 -1.65 24.91 -5.37
CA ALA B 299 -2.58 24.24 -6.28
C ALA B 299 -4.02 24.66 -6.00
N ILE B 300 -4.80 24.70 -7.08
CA ILE B 300 -6.17 25.17 -7.07
C ILE B 300 -7.02 24.07 -7.72
N PHE B 301 -7.72 23.30 -6.93
CA PHE B 301 -8.64 22.31 -7.46
C PHE B 301 -9.84 22.99 -8.13
N PHE B 302 -10.21 22.51 -9.31
CA PHE B 302 -11.30 23.09 -10.11
C PHE B 302 -12.44 22.08 -10.21
N ARG B 303 -13.62 22.40 -9.66
CA ARG B 303 -13.90 23.54 -8.78
C ARG B 303 -14.80 23.04 -7.64
N ALA B 304 -14.61 23.57 -6.43
CA ALA B 304 -15.32 23.04 -5.27
C ALA B 304 -16.62 23.80 -5.03
N ASP B 305 -17.51 23.78 -6.02
CA ASP B 305 -18.87 24.29 -5.82
C ASP B 305 -19.82 23.48 -6.70
N THR B 306 -21.02 24.01 -6.95
CA THR B 306 -22.02 23.27 -7.74
C THR B 306 -21.72 23.28 -9.23
N GLY B 307 -20.69 24.01 -9.65
CA GLY B 307 -20.43 24.19 -11.05
C GLY B 307 -21.21 25.30 -11.70
N ALA B 308 -22.11 25.95 -10.96
CA ALA B 308 -22.91 27.05 -11.51
C ALA B 308 -21.94 28.15 -11.96
N ASP B 309 -21.89 28.39 -13.25
CA ASP B 309 -20.90 29.29 -13.86
C ASP B 309 -21.64 30.52 -14.35
N PHE B 310 -21.41 31.65 -13.68
CA PHE B 310 -22.09 32.90 -13.98
C PHE B 310 -21.37 33.72 -15.02
N HIS B 311 -20.39 33.14 -15.71
CA HIS B 311 -19.73 33.79 -16.83
C HIS B 311 -20.10 33.15 -18.16
N TYR B 312 -20.08 31.83 -18.22
CA TYR B 312 -20.58 31.06 -19.37
C TYR B 312 -22.06 30.72 -19.25
N ASN B 313 -22.64 30.89 -18.06
CA ASN B 313 -24.07 30.70 -17.82
C ASN B 313 -24.50 29.27 -18.12
N PHE B 314 -23.78 28.32 -17.53
CA PHE B 314 -24.15 26.92 -17.54
C PHE B 314 -23.67 26.29 -16.24
N THR B 315 -23.87 24.97 -16.11
CA THR B 315 -23.42 24.22 -14.95
C THR B 315 -22.23 23.35 -15.38
N ASP B 316 -21.05 23.74 -14.93
CA ASP B 316 -19.83 23.03 -15.32
C ASP B 316 -19.77 21.69 -14.60
N PRO B 317 -19.60 20.57 -15.31
CA PRO B 317 -19.51 19.26 -14.63
C PRO B 317 -18.32 19.15 -13.70
N ALA B 318 -17.30 20.01 -13.85
CA ALA B 318 -16.17 19.97 -12.93
C ALA B 318 -16.54 20.46 -11.53
N GLY B 319 -17.69 21.10 -11.36
CA GLY B 319 -18.19 21.41 -10.03
C GLY B 319 -18.52 20.13 -9.30
N ILE B 320 -17.87 19.89 -8.14
CA ILE B 320 -17.98 18.56 -7.54
C ILE B 320 -19.25 18.40 -6.70
N PHE B 321 -19.88 19.49 -6.29
CA PHE B 321 -21.10 19.38 -5.50
C PHE B 321 -22.30 19.11 -6.40
N GLU B 322 -23.36 18.54 -5.83
CA GLU B 322 -24.59 18.38 -6.59
C GLU B 322 -25.19 19.75 -6.91
N ASP B 323 -26.10 19.78 -7.90
CA ASP B 323 -26.70 21.05 -8.33
C ASP B 323 -27.29 21.82 -7.15
N ASP B 324 -27.90 21.12 -6.19
CA ASP B 324 -28.52 21.78 -5.04
C ASP B 324 -27.55 22.02 -3.89
N GLY B 325 -26.26 21.73 -4.07
CA GLY B 325 -25.30 21.89 -3.01
C GLY B 325 -25.05 20.65 -2.16
N SER B 326 -25.83 19.59 -2.34
CA SER B 326 -25.66 18.39 -1.54
C SER B 326 -24.37 17.67 -1.94
N GLN B 327 -23.98 16.70 -1.11
CA GLN B 327 -22.63 16.16 -1.09
C GLN B 327 -22.61 14.76 -1.71
N ASN B 328 -21.39 14.25 -1.91
CA ASN B 328 -21.21 13.00 -2.64
C ASN B 328 -19.79 12.49 -2.36
N ALA B 329 -19.33 11.52 -3.17
CA ALA B 329 -18.00 10.97 -2.92
C ALA B 329 -16.92 12.01 -3.21
N ARG B 330 -17.14 12.85 -4.22
CA ARG B 330 -16.12 13.84 -4.58
C ARG B 330 -15.97 14.88 -3.47
N THR B 331 -17.09 15.41 -2.97
CA THR B 331 -16.99 16.36 -1.89
C THR B 331 -16.44 15.72 -0.62
N GLY B 332 -16.72 14.43 -0.42
CA GLY B 332 -16.10 13.73 0.70
C GLY B 332 -14.59 13.61 0.57
N ALA B 333 -14.12 13.15 -0.60
CA ALA B 333 -12.68 13.03 -0.81
C ALA B 333 -11.99 14.39 -0.72
N PHE B 334 -12.65 15.43 -1.25
CA PHE B 334 -12.12 16.80 -1.13
C PHE B 334 -11.86 17.18 0.32
N GLN B 335 -12.81 16.87 1.21
CA GLN B 335 -12.61 17.16 2.63
C GLN B 335 -11.52 16.30 3.24
N LEU B 336 -11.49 15.01 2.90
CA LEU B 336 -10.49 14.13 3.48
C LEU B 336 -9.08 14.53 3.04
N VAL B 337 -8.93 14.97 1.79
CA VAL B 337 -7.62 15.42 1.32
C VAL B 337 -7.18 16.64 2.13
N GLY B 338 -8.06 17.64 2.24
CA GLY B 338 -7.67 18.88 2.89
C GLY B 338 -7.30 18.69 4.35
N GLN B 339 -8.02 17.83 5.05
CA GLN B 339 -7.68 17.55 6.45
C GLN B 339 -6.31 16.88 6.54
N THR B 340 -6.00 16.00 5.57
CA THR B 340 -4.67 15.40 5.56
C THR B 340 -3.61 16.45 5.25
N LEU B 341 -3.89 17.35 4.30
CA LEU B 341 -2.95 18.41 3.96
C LEU B 341 -2.80 19.46 5.05
N ALA B 342 -3.69 19.47 6.05
CA ALA B 342 -3.60 20.39 7.18
C ALA B 342 -2.60 19.92 8.25
N THR B 343 -2.19 18.66 8.22
CA THR B 343 -1.08 18.27 9.08
C THR B 343 0.17 19.06 8.69
N THR B 344 1.09 19.20 9.64
CA THR B 344 2.31 19.95 9.37
C THR B 344 3.54 19.09 9.16
N GLU B 345 3.63 17.95 9.83
CA GLU B 345 4.78 17.06 9.73
C GLU B 345 4.42 15.85 8.88
N ARG B 346 5.25 15.58 7.88
CA ARG B 346 5.05 14.46 6.98
C ARG B 346 5.67 13.21 7.59
N LEU B 347 5.00 12.06 7.42
CA LEU B 347 5.48 10.78 7.88
C LEU B 347 5.69 9.85 6.70
N ALA B 348 6.64 8.94 6.83
CA ALA B 348 6.86 7.96 5.79
C ALA B 348 5.78 6.88 5.89
N ILE B 349 5.23 6.49 4.74
CA ILE B 349 4.31 5.36 4.67
C ILE B 349 4.77 4.45 3.55
N THR B 350 5.01 3.18 3.86
CA THR B 350 5.42 2.21 2.87
C THR B 350 4.24 1.31 2.53
N GLY B 351 4.26 0.75 1.33
CA GLY B 351 3.25 -0.20 0.91
C GLY B 351 2.34 0.28 -0.18
N GLY B 352 2.27 1.58 -0.44
CA GLY B 352 1.51 2.08 -1.57
C GLY B 352 2.30 1.93 -2.86
N ASP B 353 1.70 2.36 -3.97
CA ASP B 353 2.38 2.32 -5.25
C ASP B 353 2.10 3.58 -6.03
N ASP B 354 2.74 3.67 -7.20
CA ASP B 354 2.57 4.77 -8.13
C ASP B 354 1.51 4.47 -9.17
N ASN B 355 0.79 3.37 -9.01
CA ASN B 355 -0.21 2.93 -9.98
C ASN B 355 -1.63 3.14 -9.47
N GLY B 356 -1.82 4.13 -8.61
CA GLY B 356 -3.13 4.49 -8.13
C GLY B 356 -3.45 4.09 -6.71
N PHE B 357 -2.67 3.20 -6.09
CA PHE B 357 -2.88 2.94 -4.66
C PHE B 357 -2.00 3.93 -3.91
N ALA B 358 -2.56 5.11 -3.66
CA ALA B 358 -1.81 6.25 -3.17
C ALA B 358 -2.02 6.39 -1.67
N ALA B 359 -0.92 6.56 -0.94
CA ALA B 359 -0.97 6.64 0.51
C ALA B 359 -0.14 7.81 0.97
N LEU B 360 -0.65 8.52 1.98
CA LEU B 360 -0.04 9.73 2.51
C LEU B 360 -0.27 9.79 4.01
N ALA B 361 0.76 10.21 4.76
CA ALA B 361 0.69 10.21 6.21
C ALA B 361 1.33 11.48 6.77
N GLY B 362 0.68 12.06 7.78
CA GLY B 362 1.20 13.24 8.44
C GLY B 362 0.67 13.32 9.85
N ARG B 363 1.26 14.24 10.64
CA ARG B 363 0.73 14.51 11.96
C ARG B 363 0.63 16.01 12.18
N THR B 364 -0.31 16.39 13.05
CA THR B 364 -0.55 17.79 13.35
C THR B 364 0.61 18.37 14.15
N ALA B 365 0.61 19.71 14.26
CA ALA B 365 1.72 20.40 14.94
C ALA B 365 1.78 20.02 16.41
N ASP B 366 0.63 19.91 17.09
CA ASP B 366 0.65 19.53 18.49
C ASP B 366 0.98 18.05 18.72
N GLY B 367 1.14 17.27 17.65
CA GLY B 367 1.53 15.88 17.75
C GLY B 367 0.44 14.93 18.20
N ASP B 368 -0.76 15.42 18.45
CA ASP B 368 -1.82 14.60 19.02
C ASP B 368 -2.67 13.88 17.97
N THR B 369 -2.48 14.18 16.68
CA THR B 369 -3.32 13.62 15.63
C THR B 369 -2.46 13.11 14.48
N ILE B 370 -2.67 11.85 14.11
CA ILE B 370 -2.05 11.24 12.94
C ILE B 370 -3.13 11.10 11.88
N ARG B 371 -2.83 11.50 10.64
CA ARG B 371 -3.76 11.31 9.55
C ARG B 371 -3.11 10.48 8.46
N ILE B 372 -3.76 9.39 8.07
CA ILE B 372 -3.30 8.52 7.00
C ILE B 372 -4.41 8.46 5.96
N LEU B 373 -4.10 8.88 4.74
CA LEU B 373 -5.07 8.95 3.65
C LEU B 373 -4.70 7.91 2.61
N ILE B 374 -5.69 7.10 2.21
CA ILE B 374 -5.48 6.05 1.21
C ILE B 374 -6.52 6.23 0.11
N SER B 375 -6.07 6.21 -1.14
CA SER B 375 -6.96 6.19 -2.29
C SER B 375 -6.60 4.98 -3.12
N ASN B 376 -7.58 4.18 -3.45
CA ASN B 376 -7.38 3.01 -4.29
C ASN B 376 -7.98 3.37 -5.64
N TYR B 377 -7.16 3.97 -6.51
CA TYR B 377 -7.61 4.48 -7.80
C TYR B 377 -7.07 3.62 -8.93
N ALA B 378 -7.92 3.28 -9.90
CA ALA B 378 -7.51 2.50 -11.08
C ALA B 378 -7.64 3.33 -12.34
N ILE B 379 -6.53 3.51 -13.06
CA ILE B 379 -6.66 4.12 -14.40
C ILE B 379 -7.50 3.19 -15.27
N PRO B 380 -8.54 3.69 -15.95
CA PRO B 380 -9.35 2.80 -16.79
C PRO B 380 -8.57 2.25 -17.97
N ASP B 381 -9.04 1.09 -18.45
CA ASP B 381 -8.30 0.33 -19.44
C ASP B 381 -8.01 1.16 -20.70
N MSE B 382 -8.95 2.00 -21.11
CA MSE B 382 -8.79 2.69 -22.37
C MSE B 382 -7.65 3.71 -22.33
O MSE B 382 -7.06 4.03 -23.36
CB MSE B 382 -10.10 3.32 -22.79
CG MSE B 382 -10.43 4.63 -22.14
SE MSE B 382 -11.81 5.46 -23.22
CE MSE B 382 -11.19 4.64 -24.89
N TYR B 383 -7.31 4.19 -21.14
CA TYR B 383 -6.21 5.13 -20.97
C TYR B 383 -4.88 4.45 -20.67
N LEU B 384 -4.85 3.12 -20.67
CA LEU B 384 -3.60 2.38 -20.52
C LEU B 384 -3.00 1.95 -21.86
N THR B 385 -3.57 2.40 -22.97
CA THR B 385 -3.05 2.09 -24.30
C THR B 385 -2.30 3.28 -24.86
N ALA B 386 -1.09 3.05 -25.34
CA ALA B 386 -0.26 4.15 -25.82
C ALA B 386 -0.88 4.80 -27.06
N ARG B 387 -0.67 6.12 -27.19
CA ARG B 387 -1.16 6.82 -28.36
C ARG B 387 -0.16 6.69 -29.51
N ASP B 388 -0.67 6.84 -30.74
CA ASP B 388 0.20 6.99 -31.89
C ASP B 388 0.90 8.34 -31.88
N ARG B 389 0.30 9.33 -31.24
CA ARG B 389 0.85 10.68 -31.24
C ARG B 389 0.42 11.32 -29.93
N ASP B 390 1.39 11.81 -29.16
CA ASP B 390 1.08 12.32 -27.82
C ASP B 390 0.64 13.78 -27.92
N VAL B 391 -0.46 13.93 -28.64
CA VAL B 391 -1.18 15.18 -28.81
C VAL B 391 -2.65 14.88 -28.61
N PHE B 392 -3.31 15.71 -27.81
CA PHE B 392 -4.73 15.57 -27.53
C PHE B 392 -5.45 16.65 -28.33
N GLU B 393 -6.36 16.24 -29.19
CA GLU B 393 -7.08 17.15 -30.07
C GLU B 393 -8.56 17.12 -29.71
N PHE B 394 -9.16 18.30 -29.58
CA PHE B 394 -10.58 18.40 -29.30
C PHE B 394 -11.11 19.69 -29.91
N GLN B 395 -12.44 19.80 -29.96
CA GLN B 395 -13.09 20.97 -30.54
C GLN B 395 -13.92 21.69 -29.48
N VAL B 396 -14.04 23.00 -29.64
CA VAL B 396 -14.79 23.85 -28.72
C VAL B 396 -15.95 24.45 -29.47
N PRO B 397 -17.18 23.96 -29.25
CA PRO B 397 -18.33 24.50 -29.97
C PRO B 397 -18.84 25.77 -29.31
N ILE B 398 -18.99 26.81 -30.11
CA ILE B 398 -19.62 28.06 -29.68
C ILE B 398 -20.61 28.45 -30.76
N GLY B 399 -21.89 28.51 -30.41
CA GLY B 399 -22.90 28.78 -31.41
C GLY B 399 -22.94 27.64 -32.41
N ASP B 400 -22.95 27.97 -33.69
CA ASP B 400 -22.87 26.95 -34.73
C ASP B 400 -21.44 26.80 -35.26
N GLN B 401 -20.46 27.42 -34.60
CA GLN B 401 -19.07 27.37 -35.00
C GLN B 401 -18.26 26.50 -34.04
N LYS B 402 -17.05 26.15 -34.46
CA LYS B 402 -16.16 25.32 -33.67
C LYS B 402 -14.74 25.87 -33.76
N THR B 403 -14.00 25.77 -32.66
CA THR B 403 -12.59 26.13 -32.62
C THR B 403 -11.77 24.88 -32.29
N ASP B 404 -10.78 24.59 -33.13
CA ASP B 404 -9.97 23.40 -32.97
C ASP B 404 -8.86 23.66 -31.97
N MSE B 405 -8.74 22.78 -30.99
CA MSE B 405 -7.67 22.89 -30.01
C MSE B 405 -6.76 21.66 -30.09
O MSE B 405 -7.18 20.57 -30.43
CB MSE B 405 -8.22 23.04 -28.59
CG MSE B 405 -9.15 24.23 -28.43
SE MSE B 405 -8.15 25.89 -28.36
CE MSE B 405 -9.61 27.12 -28.06
N SER B 406 -5.49 21.88 -29.75
CA SER B 406 -4.49 20.82 -29.84
C SER B 406 -3.43 21.10 -28.78
N LEU B 407 -3.13 20.10 -27.96
CA LEU B 407 -2.13 20.29 -26.94
C LEU B 407 -1.27 19.05 -26.80
N ASN B 408 -0.01 19.26 -26.50
CA ASN B 408 0.90 18.18 -26.15
C ASN B 408 0.49 17.57 -24.81
N VAL B 409 0.54 16.25 -24.74
CA VAL B 409 0.25 15.52 -23.51
C VAL B 409 1.41 14.58 -23.25
N PRO B 410 1.65 14.19 -21.99
CA PRO B 410 2.70 13.21 -21.70
C PRO B 410 2.37 11.86 -22.31
N PRO B 411 3.37 11.03 -22.57
CA PRO B 411 3.10 9.65 -22.97
C PRO B 411 2.35 8.94 -21.84
N ARG B 412 1.32 8.20 -22.23
CA ARG B 412 0.58 7.43 -21.23
C ARG B 412 1.48 6.42 -20.52
N ARG B 413 1.22 6.25 -19.22
CA ARG B 413 1.97 5.29 -18.40
C ARG B 413 1.35 3.91 -18.62
N VAL B 414 1.77 3.24 -19.70
CA VAL B 414 1.13 1.99 -20.09
C VAL B 414 1.39 0.86 -19.10
N ASP B 415 2.35 1.04 -18.19
CA ASP B 415 2.65 0.02 -17.20
C ASP B 415 2.01 0.32 -15.84
N ALA B 416 1.09 1.29 -15.78
CA ALA B 416 0.52 1.76 -14.53
C ALA B 416 -0.83 1.14 -14.22
N ARG B 417 -1.08 -0.09 -14.69
CA ARG B 417 -2.32 -0.75 -14.32
C ARG B 417 -2.39 -0.97 -12.81
N SER B 418 -3.56 -0.69 -12.24
CA SER B 418 -3.74 -0.86 -10.80
C SER B 418 -3.46 -2.29 -10.39
N THR B 419 -2.86 -2.46 -9.21
CA THR B 419 -2.73 -3.80 -8.64
C THR B 419 -4.09 -4.40 -8.31
N GLY B 420 -5.11 -3.56 -8.14
CA GLY B 420 -6.43 -4.07 -7.84
C GLY B 420 -6.54 -4.66 -6.44
N TYR B 421 -5.80 -4.10 -5.49
CA TYR B 421 -5.98 -4.45 -4.08
C TYR B 421 -7.45 -4.42 -3.72
N SER B 422 -7.87 -5.38 -2.89
CA SER B 422 -9.23 -5.40 -2.39
C SER B 422 -9.36 -4.79 -1.00
N GLY B 423 -8.26 -4.63 -0.28
CA GLY B 423 -8.29 -4.06 1.05
C GLY B 423 -6.88 -3.79 1.53
N TYR B 424 -6.77 -3.38 2.79
CA TYR B 424 -5.46 -3.02 3.32
C TYR B 424 -5.31 -3.49 4.76
N THR B 425 -4.06 -3.68 5.16
CA THR B 425 -3.70 -3.77 6.57
C THR B 425 -2.61 -2.75 6.83
N LEU B 426 -2.79 -1.96 7.87
CA LEU B 426 -1.99 -0.78 8.15
C LEU B 426 -1.45 -0.88 9.57
N GLU B 427 -0.13 -0.96 9.71
CA GLU B 427 0.53 -1.10 11.00
C GLU B 427 1.19 0.23 11.32
N ILE B 428 0.67 0.92 12.33
CA ILE B 428 1.17 2.23 12.75
C ILE B 428 1.95 2.03 14.05
N GLY B 429 3.24 2.37 14.05
CA GLY B 429 4.10 2.16 15.18
C GLY B 429 4.64 3.47 15.73
N HIS B 430 5.17 3.39 16.95
CA HIS B 430 5.84 4.51 17.61
C HIS B 430 4.93 5.73 17.73
N LEU B 431 3.67 5.51 18.10
CA LEU B 431 2.75 6.61 18.30
C LEU B 431 3.42 7.65 19.22
N PRO B 432 3.51 8.91 18.81
CA PRO B 432 4.46 9.81 19.48
C PRO B 432 4.10 10.10 20.93
N TRP B 433 2.81 10.05 21.30
CA TRP B 433 2.42 10.30 22.68
C TRP B 433 2.65 9.10 23.58
N GLY B 434 3.12 7.98 23.05
CA GLY B 434 3.42 6.81 23.86
C GLY B 434 2.33 5.75 23.83
N ASP B 435 2.39 4.87 24.82
CA ASP B 435 1.61 3.65 24.81
C ASP B 435 0.30 3.75 25.58
N GLY B 436 -0.14 4.95 25.93
CA GLY B 436 -1.39 5.13 26.64
C GLY B 436 -2.60 5.11 25.70
N PRO B 437 -3.75 5.52 26.22
CA PRO B 437 -4.98 5.45 25.42
C PRO B 437 -4.88 6.24 24.12
N HIS B 438 -5.52 5.71 23.08
CA HIS B 438 -5.63 6.41 21.81
C HIS B 438 -6.96 6.03 21.18
N ARG B 439 -7.26 6.68 20.07
CA ARG B 439 -8.50 6.44 19.34
C ARG B 439 -8.21 6.38 17.85
N VAL B 440 -8.91 5.48 17.14
CA VAL B 440 -8.81 5.36 15.68
C VAL B 440 -10.20 5.65 15.13
N VAL B 441 -10.31 6.68 14.30
CA VAL B 441 -11.55 7.01 13.61
C VAL B 441 -11.29 6.96 12.12
N ARG B 442 -12.26 6.44 11.35
CA ARG B 442 -12.10 6.30 9.92
C ARG B 442 -13.26 6.95 9.19
N TYR B 443 -12.95 7.60 8.07
CA TYR B 443 -13.90 8.24 7.18
C TYR B 443 -13.76 7.66 5.78
N ARG B 444 -14.87 7.61 5.05
CA ARG B 444 -14.88 6.93 3.75
C ARG B 444 -15.57 7.79 2.71
N ALA B 445 -14.96 7.88 1.53
CA ALA B 445 -15.62 8.42 0.35
C ALA B 445 -15.60 7.34 -0.74
N ASP B 446 -16.78 6.88 -1.14
CA ASP B 446 -16.88 5.90 -2.20
C ASP B 446 -18.33 5.91 -2.70
N ARG B 447 -18.74 4.85 -3.40
CA ARG B 447 -20.07 4.80 -3.98
C ARG B 447 -21.16 4.87 -2.92
N ASP B 448 -20.88 4.45 -1.69
CA ASP B 448 -21.88 4.44 -0.63
C ASP B 448 -21.65 5.49 0.46
N HIS B 449 -20.62 6.33 0.33
CA HIS B 449 -20.24 7.20 1.44
C HIS B 449 -19.76 8.55 0.90
N LYS B 450 -20.09 9.61 1.64
CA LYS B 450 -19.72 10.97 1.24
C LYS B 450 -18.70 11.59 2.20
N GLY B 451 -17.75 10.79 2.69
CA GLY B 451 -16.74 11.30 3.58
C GLY B 451 -17.10 11.27 5.05
N GLU B 452 -18.28 10.75 5.39
CA GLU B 452 -18.69 10.67 6.78
C GLU B 452 -17.88 9.60 7.52
N MSE B 453 -17.95 9.64 8.85
CA MSE B 453 -17.28 8.65 9.69
C MSE B 453 -17.82 7.25 9.43
O MSE B 453 -19.04 7.07 9.39
CB MSE B 453 -17.45 9.02 11.17
CG MSE B 453 -16.77 8.07 12.13
SE MSE B 453 -17.07 8.60 14.01
CE MSE B 453 -16.45 10.44 13.90
N LEU B 454 -16.91 6.30 9.21
CA LEU B 454 -17.25 4.87 9.17
C LEU B 454 -17.40 4.29 10.56
N ASP B 455 -16.36 4.42 11.38
CA ASP B 455 -16.34 3.83 12.71
C ASP B 455 -15.32 4.56 13.57
N SER B 456 -15.36 4.23 14.87
CA SER B 456 -14.47 4.79 15.86
C SER B 456 -14.16 3.70 16.87
N HIS B 457 -12.89 3.56 17.25
CA HIS B 457 -12.51 2.53 18.22
C HIS B 457 -11.43 3.05 19.16
N GLU B 458 -11.57 2.68 20.44
CA GLU B 458 -10.57 3.01 21.45
C GLU B 458 -9.52 1.91 21.54
N GLY B 459 -8.38 2.27 22.13
CA GLY B 459 -7.30 1.32 22.29
C GLY B 459 -6.16 1.95 23.07
N ARG B 460 -5.06 1.21 23.15
CA ARG B 460 -3.84 1.69 23.78
C ARG B 460 -2.66 0.95 23.18
N GLY B 461 -1.48 1.24 23.70
CA GLY B 461 -0.23 0.73 23.15
C GLY B 461 0.37 1.69 22.13
N SER B 462 1.69 1.60 21.98
CA SER B 462 2.38 2.50 21.06
C SER B 462 2.29 2.05 19.60
N SER B 463 1.69 0.90 19.30
CA SER B 463 1.44 0.52 17.92
C SER B 463 0.03 -0.05 17.78
N VAL B 464 -0.57 0.11 16.59
CA VAL B 464 -1.91 -0.39 16.36
C VAL B 464 -2.03 -0.83 14.91
N THR B 465 -2.69 -1.98 14.71
CA THR B 465 -2.95 -2.50 13.38
C THR B 465 -4.39 -2.21 13.01
N VAL B 466 -4.58 -1.68 11.81
CA VAL B 466 -5.87 -1.23 11.30
C VAL B 466 -6.11 -1.89 9.94
N GLN B 467 -7.27 -2.51 9.77
CA GLN B 467 -7.54 -3.26 8.54
C GLN B 467 -8.93 -2.91 8.02
N ASN B 468 -9.07 -2.93 6.70
CA ASN B 468 -10.38 -2.68 6.11
C ASN B 468 -10.45 -3.23 4.69
N LYS B 469 -11.67 -3.48 4.25
CA LYS B 469 -11.95 -3.65 2.85
C LYS B 469 -11.90 -2.26 2.20
N LEU B 470 -11.20 -2.16 1.06
CA LEU B 470 -11.15 -0.86 0.37
C LEU B 470 -10.98 -1.17 -1.12
N ALA B 471 -12.11 -1.44 -1.78
CA ALA B 471 -12.12 -1.78 -3.19
C ALA B 471 -11.70 -0.57 -4.03
N VAL B 472 -11.42 -0.84 -5.30
CA VAL B 472 -11.05 0.23 -6.22
C VAL B 472 -12.11 1.32 -6.22
N SER B 473 -11.65 2.58 -6.25
CA SER B 473 -12.40 3.84 -6.21
C SER B 473 -12.80 4.22 -4.80
N GLY B 474 -12.25 3.57 -3.77
CA GLY B 474 -12.50 3.97 -2.40
C GLY B 474 -11.41 4.92 -1.90
N VAL B 475 -11.82 5.88 -1.08
CA VAL B 475 -10.91 6.80 -0.39
C VAL B 475 -11.17 6.68 1.11
N GLU B 476 -10.11 6.53 1.90
CA GLU B 476 -10.29 6.32 3.32
C GLU B 476 -9.30 7.19 4.09
N LEU B 477 -9.79 7.88 5.12
CA LEU B 477 -8.92 8.61 6.04
C LEU B 477 -8.92 7.87 7.37
N ILE B 478 -7.73 7.52 7.85
CA ILE B 478 -7.55 6.90 9.16
C ILE B 478 -6.93 7.95 10.06
N GLU B 479 -7.64 8.29 11.14
CA GLU B 479 -7.26 9.35 12.07
C GLU B 479 -6.98 8.71 13.42
N ILE B 480 -5.73 8.81 13.89
CA ILE B 480 -5.33 8.27 15.18
C ILE B 480 -4.96 9.43 16.09
N THR B 481 -5.52 9.45 17.30
CA THR B 481 -5.36 10.58 18.20
C THR B 481 -5.08 10.09 19.60
N ARG B 482 -4.30 10.88 20.34
CA ARG B 482 -4.11 10.63 21.77
C ARG B 482 -5.42 10.84 22.52
N VAL B 483 -5.69 9.97 23.48
CA VAL B 483 -6.87 10.07 24.33
C VAL B 483 -6.41 10.31 25.76
N SER B 484 -7.05 11.26 26.44
CA SER B 484 -6.78 11.49 27.86
C SER B 484 -7.40 10.41 28.73
C1 GOL C . 25.67 -40.31 -7.72
O1 GOL C . 27.01 -40.03 -7.42
C2 GOL C . 25.62 -40.61 -9.25
O2 GOL C . 26.03 -39.51 -10.01
C3 GOL C . 26.54 -41.85 -9.47
O3 GOL C . 25.98 -42.59 -10.51
C1 GOL D . -9.85 49.36 -20.18
O1 GOL D . -9.98 49.37 -21.57
C2 GOL D . -9.02 50.60 -19.76
O2 GOL D . -7.70 50.56 -20.18
C3 GOL D . -9.77 51.85 -20.35
O3 GOL D . -9.18 52.98 -19.77
C1 GOL E . -15.83 26.28 -18.97
O1 GOL E . -16.71 26.13 -20.05
C2 GOL E . -14.40 26.51 -19.55
O2 GOL E . -13.42 25.73 -18.92
C3 GOL E . -14.17 28.00 -19.29
O3 GOL E . -12.80 28.22 -19.27
#